data_7Y58
#
_entry.id   7Y58
#
_cell.length_a   1.00
_cell.length_b   1.00
_cell.length_c   1.00
_cell.angle_alpha   90.00
_cell.angle_beta   90.00
_cell.angle_gamma   90.00
#
_symmetry.space_group_name_H-M   'P 1'
#
loop_
_entity.id
_entity.type
_entity.pdbx_description
1 polymer 'Antiseptic resistance protein'
2 polymer 'Single-domain Indian camelid antibody (A4)'
3 polymer 'single-domain indian camelid antibody(B7)'
#
loop_
_entity_poly.entity_id
_entity_poly.type
_entity_poly.pdbx_seq_one_letter_code
_entity_poly.pdbx_strand_id
1 'polypeptide(L)'
;MISFFTKTTDMMTSKKRWTALVVLAVSLFVVTMDMTILIMALPELVRELEPSGTQQLWIVDIYSLVLAGFIIPLSAFADK
WGRKKALLTGFALFGLVSLAIFFAESAEFVIAIRFLLGIAGALIMPTTLSMIRVIFENPKERATALAVWSIASSIGAVFG
PIIGGALLEQFSWHSAFLINVPFAIIAVVAGLFLLPESKLSKEKSHSWDIPSTILSIAGMIGLVWSIKEFSKEGLADIIP
WVVIVLAITMIVIFVKRNLSSSDPMLDVRLFKKRSFSAGTIAAFMTMFAMASVLLLASQWLQVVEELSPFKAGLYLLPMA
IGDMVFAPIAPGLAARFGPKIVLPSGIGIAAIGMFIMYFFGHPLSYSTMALALILVGAGMASLAVASALIMLETPTSKAG
NAAAVEESMYNLGNVFGVAVLGSLSSMLYRVFLDISSFSSKGIVGDLAHVAEESVVGAVEVAKATGIKQLANEAVTSFND
AFVATALVGGIIMIIISIVVYLLIPKSLDITKQK
;
A
2 'polypeptide(L)'
;MQVQLQESGGGSVQTGGSLRLSCAASGYRYSDNCVGWFRQAPGREREAVATYNSGSSTWYADSVKGRFTISQDSAKSTVY
LQMNNLKPEDTAMYYCAGRNRLGSYCYMTGDFAYWGQGTQVTVSS
;
B
3 'polypeptide(L)'
;MQVQLQESGGGSVQAGGSLRLSCAASGYTNSRKCMGWFRQIPGKEREGVAAIYGFGRGLILYADSVKGRFTISQDNAKNT
VYLQMNSLKPEDTAMYYCAADSPGSCLSRSGYNYWGQGTQVTVSS
;
C
#
# COMPACT_ATOMS: atom_id res chain seq x y z
N PHE A 5 -43.88 1.18 7.00
CA PHE A 5 -44.74 2.26 6.58
C PHE A 5 -45.41 1.95 5.24
N THR A 6 -44.67 2.20 4.17
CA THR A 6 -45.17 1.98 2.81
C THR A 6 -43.99 1.99 1.86
N LYS A 7 -43.99 1.05 0.91
CA LYS A 7 -42.95 0.96 -0.09
C LYS A 7 -43.45 1.32 -1.49
N THR A 8 -44.52 2.12 -1.56
CA THR A 8 -45.04 2.58 -2.86
C THR A 8 -45.52 4.01 -2.67
N THR A 9 -44.71 4.97 -3.13
CA THR A 9 -45.07 6.39 -3.07
C THR A 9 -44.77 7.04 -4.42
N ASP A 10 -45.77 7.73 -4.96
CA ASP A 10 -45.62 8.44 -6.23
C ASP A 10 -45.02 9.81 -5.97
N MET A 11 -45.03 10.67 -7.00
CA MET A 11 -44.63 12.07 -6.93
C MET A 11 -43.23 12.26 -6.34
N MET A 12 -42.45 11.19 -6.20
CA MET A 12 -41.14 11.21 -5.55
C MET A 12 -41.33 11.73 -4.13
N THR A 13 -40.68 12.81 -3.72
CA THR A 13 -40.77 13.28 -2.35
C THR A 13 -40.83 14.80 -2.35
N SER A 14 -41.26 15.36 -1.23
CA SER A 14 -41.43 16.80 -1.09
C SER A 14 -40.06 17.46 -0.91
N LYS A 15 -40.08 18.73 -0.50
CA LYS A 15 -38.84 19.50 -0.38
C LYS A 15 -37.90 18.94 0.67
N LYS A 16 -38.38 18.07 1.55
CA LYS A 16 -37.54 17.45 2.57
C LYS A 16 -36.79 16.24 2.06
N ARG A 17 -36.91 15.91 0.77
CA ARG A 17 -36.21 14.75 0.22
C ARG A 17 -34.71 14.86 0.40
N TRP A 18 -34.19 16.08 0.59
CA TRP A 18 -32.77 16.25 0.86
C TRP A 18 -32.33 15.42 2.06
N THR A 19 -33.13 15.41 3.12
CA THR A 19 -32.78 14.59 4.28
C THR A 19 -32.62 13.13 3.86
N ALA A 20 -33.52 12.65 2.99
CA ALA A 20 -33.39 11.30 2.47
C ALA A 20 -32.00 11.06 1.91
N LEU A 21 -31.52 11.99 1.07
CA LEU A 21 -30.17 11.88 0.52
C LEU A 21 -29.16 11.67 1.63
N VAL A 22 -29.23 12.51 2.67
CA VAL A 22 -28.30 12.38 3.79
C VAL A 22 -28.38 10.98 4.37
N VAL A 23 -29.61 10.49 4.57
CA VAL A 23 -29.79 9.16 5.14
C VAL A 23 -29.09 8.12 4.28
N LEU A 24 -29.17 8.26 2.96
CA LEU A 24 -28.39 7.39 2.10
C LEU A 24 -26.91 7.67 2.24
N ALA A 25 -26.52 8.94 2.12
CA ALA A 25 -25.12 9.28 1.88
C ALA A 25 -24.22 8.70 2.98
N VAL A 26 -24.43 9.13 4.22
CA VAL A 26 -23.58 8.68 5.31
C VAL A 26 -23.59 7.15 5.38
N SER A 27 -24.75 6.55 5.17
CA SER A 27 -24.84 5.09 5.25
C SER A 27 -23.91 4.45 4.22
N LEU A 28 -23.95 4.93 2.98
CA LEU A 28 -23.06 4.39 1.96
C LEU A 28 -21.61 4.53 2.40
N PHE A 29 -21.28 5.66 3.03
CA PHE A 29 -19.93 5.85 3.54
C PHE A 29 -19.51 4.68 4.42
N VAL A 30 -20.36 4.33 5.39
CA VAL A 30 -20.02 3.21 6.26
C VAL A 30 -19.79 1.95 5.43
N VAL A 31 -20.66 1.70 4.46
CA VAL A 31 -20.58 0.51 3.64
C VAL A 31 -19.25 0.44 2.88
N THR A 32 -18.66 1.58 2.54
CA THR A 32 -17.42 1.57 1.78
C THR A 32 -16.19 1.51 2.66
N MET A 33 -16.37 1.41 3.99
CA MET A 33 -15.25 1.31 4.91
C MET A 33 -14.90 -0.13 5.27
N ASP A 34 -15.86 -1.04 5.21
CA ASP A 34 -15.70 -2.37 5.79
C ASP A 34 -14.43 -3.05 5.29
N MET A 35 -14.21 -3.06 3.97
CA MET A 35 -13.05 -3.73 3.43
C MET A 35 -11.77 -3.22 4.07
N THR A 36 -11.62 -1.90 4.14
CA THR A 36 -10.42 -1.35 4.79
C THR A 36 -10.33 -1.81 6.24
N ILE A 37 -11.46 -1.77 6.97
CA ILE A 37 -11.46 -2.22 8.35
C ILE A 37 -10.99 -3.65 8.44
N LEU A 38 -11.34 -4.47 7.44
CA LEU A 38 -10.91 -5.86 7.44
C LEU A 38 -9.40 -5.96 7.28
N ILE A 39 -8.83 -5.16 6.38
CA ILE A 39 -7.45 -5.36 5.96
C ILE A 39 -6.51 -5.17 7.14
N MET A 40 -6.63 -4.05 7.85
CA MET A 40 -5.79 -3.80 9.01
C MET A 40 -6.16 -4.68 10.20
N ALA A 41 -7.28 -5.39 10.13
CA ALA A 41 -7.61 -6.40 11.12
C ALA A 41 -7.16 -7.79 10.71
N LEU A 42 -6.51 -7.92 9.55
CA LEU A 42 -6.07 -9.23 9.07
C LEU A 42 -5.08 -9.91 10.01
N PRO A 43 -4.01 -9.25 10.50
CA PRO A 43 -3.07 -9.96 11.40
C PRO A 43 -3.72 -10.43 12.68
N GLU A 44 -4.55 -9.59 13.28
CA GLU A 44 -5.20 -9.92 14.56
C GLU A 44 -5.95 -11.23 14.46
N LEU A 45 -6.82 -11.36 13.45
CA LEU A 45 -7.56 -12.58 13.21
C LEU A 45 -6.60 -13.75 13.07
N VAL A 46 -5.49 -13.51 12.36
CA VAL A 46 -4.50 -14.57 12.13
C VAL A 46 -3.98 -15.11 13.46
N ARG A 47 -3.84 -14.25 14.46
CA ARG A 47 -3.36 -14.71 15.75
C ARG A 47 -4.38 -15.63 16.42
N GLU A 48 -5.67 -15.34 16.25
CA GLU A 48 -6.71 -16.07 16.95
C GLU A 48 -7.11 -17.36 16.25
N LEU A 49 -6.86 -17.47 14.95
CA LEU A 49 -7.32 -18.62 14.18
C LEU A 49 -6.16 -19.14 13.34
N GLU A 50 -6.48 -20.03 12.40
CA GLU A 50 -5.49 -20.59 11.50
C GLU A 50 -5.64 -19.93 10.14
N PRO A 51 -4.73 -19.05 9.73
CA PRO A 51 -4.84 -18.47 8.38
C PRO A 51 -4.78 -19.51 7.27
N SER A 52 -4.09 -20.63 7.52
CA SER A 52 -4.08 -21.77 6.60
C SER A 52 -3.54 -21.39 5.23
N GLY A 53 -2.67 -20.40 5.17
CA GLY A 53 -2.08 -20.01 3.90
C GLY A 53 -3.07 -19.37 2.95
N THR A 54 -3.47 -20.12 1.92
CA THR A 54 -4.31 -19.56 0.86
C THR A 54 -5.66 -19.10 1.39
N GLN A 55 -6.10 -19.65 2.53
CA GLN A 55 -7.37 -19.21 3.12
C GLN A 55 -7.30 -17.75 3.52
N GLN A 56 -6.16 -17.32 4.05
CA GLN A 56 -6.01 -15.92 4.44
C GLN A 56 -6.08 -14.99 3.24
N LEU A 57 -5.61 -15.43 2.08
CA LEU A 57 -5.74 -14.62 0.86
C LEU A 57 -7.15 -14.66 0.31
N TRP A 58 -7.81 -15.82 0.36
CA TRP A 58 -9.21 -15.89 -0.04
C TRP A 58 -10.07 -14.96 0.79
N ILE A 59 -9.75 -14.80 2.07
CA ILE A 59 -10.52 -13.94 2.95
C ILE A 59 -10.57 -12.52 2.40
N VAL A 60 -9.46 -12.01 1.88
CA VAL A 60 -9.43 -10.66 1.35
C VAL A 60 -9.81 -10.58 -0.13
N ASP A 61 -9.76 -11.70 -0.86
CA ASP A 61 -10.08 -11.66 -2.28
C ASP A 61 -11.56 -11.87 -2.58
N ILE A 62 -12.26 -12.58 -1.70
CA ILE A 62 -13.62 -13.01 -2.03
C ILE A 62 -14.57 -11.82 -2.13
N TYR A 63 -14.42 -10.83 -1.25
CA TYR A 63 -15.31 -9.68 -1.27
C TYR A 63 -15.15 -8.84 -2.51
N SER A 64 -13.93 -8.66 -3.02
CA SER A 64 -13.75 -7.89 -4.23
C SER A 64 -14.24 -8.69 -5.44
N LEU A 65 -13.97 -10.00 -5.44
CA LEU A 65 -14.41 -10.84 -6.55
C LEU A 65 -15.92 -10.84 -6.68
N VAL A 66 -16.62 -11.04 -5.57
CA VAL A 66 -18.08 -11.11 -5.62
C VAL A 66 -18.69 -9.76 -5.97
N LEU A 67 -18.15 -8.69 -5.39
CA LEU A 67 -18.67 -7.36 -5.69
C LEU A 67 -18.51 -7.03 -7.16
N ALA A 68 -17.37 -7.39 -7.75
CA ALA A 68 -17.19 -7.14 -9.18
C ALA A 68 -17.99 -8.11 -10.04
N GLY A 69 -18.37 -9.26 -9.51
CA GLY A 69 -19.07 -10.24 -10.31
C GLY A 69 -20.58 -10.12 -10.30
N PHE A 70 -21.17 -10.02 -9.11
CA PHE A 70 -22.62 -9.97 -8.95
C PHE A 70 -23.16 -8.55 -9.00
N ILE A 71 -22.55 -7.66 -9.76
CA ILE A 71 -22.96 -6.26 -9.75
C ILE A 71 -23.92 -5.95 -10.89
N ILE A 72 -23.80 -6.63 -12.03
CA ILE A 72 -24.69 -6.39 -13.17
C ILE A 72 -26.03 -7.08 -12.96
N PRO A 73 -26.10 -8.39 -12.72
CA PRO A 73 -27.43 -9.02 -12.58
C PRO A 73 -28.23 -8.50 -11.41
N LEU A 74 -27.58 -8.13 -10.31
CA LEU A 74 -28.31 -7.63 -9.16
C LEU A 74 -28.94 -6.27 -9.43
N SER A 75 -28.35 -5.47 -10.33
CA SER A 75 -29.00 -4.22 -10.72
C SER A 75 -30.32 -4.49 -11.42
N ALA A 76 -30.34 -5.46 -12.33
CA ALA A 76 -31.60 -5.83 -12.98
C ALA A 76 -32.59 -6.40 -11.99
N PHE A 77 -32.11 -7.20 -11.04
CA PHE A 77 -33.00 -7.73 -10.00
C PHE A 77 -33.61 -6.59 -9.19
N ALA A 78 -32.80 -5.60 -8.83
CA ALA A 78 -33.32 -4.45 -8.10
C ALA A 78 -34.33 -3.69 -8.92
N ASP A 79 -34.07 -3.53 -10.22
CA ASP A 79 -34.98 -2.79 -11.07
C ASP A 79 -36.32 -3.51 -11.22
N LYS A 80 -36.32 -4.82 -11.36
CA LYS A 80 -37.54 -5.59 -11.53
C LYS A 80 -38.18 -6.01 -10.22
N TRP A 81 -37.55 -5.73 -9.08
CA TRP A 81 -38.04 -6.16 -7.78
C TRP A 81 -38.51 -5.02 -6.90
N GLY A 82 -38.12 -3.79 -7.20
CA GLY A 82 -38.42 -2.65 -6.35
C GLY A 82 -37.16 -2.05 -5.79
N ARG A 83 -36.79 -0.87 -6.28
CA ARG A 83 -35.51 -0.27 -5.90
C ARG A 83 -35.43 -0.03 -4.40
N LYS A 84 -36.48 0.52 -3.82
CA LYS A 84 -36.51 0.72 -2.37
C LYS A 84 -36.41 -0.60 -1.63
N LYS A 85 -37.19 -1.59 -2.07
CA LYS A 85 -37.15 -2.90 -1.43
C LYS A 85 -35.78 -3.54 -1.58
N ALA A 86 -35.16 -3.40 -2.74
CA ALA A 86 -33.82 -3.96 -2.94
C ALA A 86 -32.81 -3.31 -2.02
N LEU A 87 -32.86 -1.98 -1.90
CA LEU A 87 -31.93 -1.28 -1.01
C LEU A 87 -32.12 -1.72 0.43
N LEU A 88 -33.38 -1.81 0.88
CA LEU A 88 -33.64 -2.24 2.25
C LEU A 88 -33.20 -3.67 2.49
N THR A 89 -33.43 -4.55 1.52
CA THR A 89 -33.00 -5.94 1.64
C THR A 89 -31.50 -6.03 1.74
N GLY A 90 -30.79 -5.26 0.92
CA GLY A 90 -29.34 -5.23 0.97
C GLY A 90 -28.84 -4.76 2.32
N PHE A 91 -29.42 -3.68 2.85
CA PHE A 91 -29.01 -3.18 4.15
C PHE A 91 -29.28 -4.18 5.27
N ALA A 92 -30.45 -4.81 5.24
CA ALA A 92 -30.79 -5.78 6.27
C ALA A 92 -29.87 -6.99 6.22
N LEU A 93 -29.57 -7.49 5.02
CA LEU A 93 -28.64 -8.60 4.90
C LEU A 93 -27.25 -8.20 5.35
N PHE A 94 -26.82 -6.99 5.03
CA PHE A 94 -25.53 -6.50 5.49
C PHE A 94 -25.46 -6.47 7.01
N GLY A 95 -26.51 -5.95 7.65
CA GLY A 95 -26.54 -5.91 9.10
C GLY A 95 -26.56 -7.29 9.73
N LEU A 96 -27.34 -8.21 9.15
CA LEU A 96 -27.40 -9.56 9.69
C LEU A 96 -26.06 -10.26 9.57
N VAL A 97 -25.38 -10.11 8.43
CA VAL A 97 -24.08 -10.75 8.29
C VAL A 97 -23.05 -10.07 9.19
N SER A 98 -23.23 -8.78 9.48
CA SER A 98 -22.29 -8.12 10.40
C SER A 98 -22.52 -8.56 11.84
N LEU A 99 -23.75 -8.91 12.20
CA LEU A 99 -24.01 -9.48 13.52
C LEU A 99 -23.63 -10.96 13.60
N ALA A 100 -23.59 -11.64 12.45
CA ALA A 100 -23.30 -13.07 12.46
C ALA A 100 -21.86 -13.37 12.83
N ILE A 101 -20.95 -12.40 12.74
CA ILE A 101 -19.56 -12.64 13.08
C ILE A 101 -19.37 -12.89 14.57
N PHE A 102 -20.37 -12.53 15.39
CA PHE A 102 -20.27 -12.73 16.83
C PHE A 102 -19.98 -14.19 17.18
N PHE A 103 -20.48 -15.13 16.38
CA PHE A 103 -20.15 -16.53 16.55
C PHE A 103 -18.82 -16.79 15.85
N ALA A 104 -17.76 -16.96 16.63
CA ALA A 104 -16.41 -17.04 16.10
C ALA A 104 -15.95 -18.50 15.97
N GLU A 105 -16.65 -19.24 15.10
CA GLU A 105 -16.14 -20.53 14.67
C GLU A 105 -15.16 -20.29 13.54
N SER A 106 -14.02 -19.68 13.85
CA SER A 106 -13.10 -19.20 12.83
C SER A 106 -12.66 -20.34 11.91
N ALA A 107 -13.16 -20.31 10.68
CA ALA A 107 -13.10 -21.43 9.76
C ALA A 107 -13.56 -20.96 8.39
N GLU A 108 -13.94 -21.91 7.52
CA GLU A 108 -14.69 -21.57 6.32
C GLU A 108 -15.84 -20.60 6.61
N PHE A 109 -16.30 -20.54 7.87
CA PHE A 109 -17.32 -19.58 8.26
C PHE A 109 -16.96 -18.16 7.85
N VAL A 110 -15.70 -17.77 8.02
CA VAL A 110 -15.29 -16.41 7.65
C VAL A 110 -15.45 -16.20 6.15
N ILE A 111 -15.06 -17.19 5.36
CA ILE A 111 -15.19 -17.10 3.91
C ILE A 111 -16.66 -16.96 3.52
N ALA A 112 -17.52 -17.79 4.12
CA ALA A 112 -18.94 -17.73 3.79
C ALA A 112 -19.54 -16.38 4.20
N ILE A 113 -19.15 -15.87 5.37
CA ILE A 113 -19.65 -14.58 5.82
C ILE A 113 -19.23 -13.48 4.86
N ARG A 114 -17.97 -13.50 4.43
CA ARG A 114 -17.50 -12.46 3.52
C ARG A 114 -18.18 -12.57 2.16
N PHE A 115 -18.44 -13.79 1.69
CA PHE A 115 -19.18 -13.97 0.44
C PHE A 115 -20.58 -13.40 0.54
N LEU A 116 -21.29 -13.72 1.61
CA LEU A 116 -22.65 -13.19 1.79
C LEU A 116 -22.63 -11.69 1.93
N LEU A 117 -21.63 -11.15 2.63
CA LEU A 117 -21.51 -9.71 2.81
C LEU A 117 -21.24 -9.02 1.47
N GLY A 118 -20.41 -9.62 0.63
CA GLY A 118 -20.20 -9.06 -0.69
C GLY A 118 -21.45 -9.10 -1.55
N ILE A 119 -22.21 -10.19 -1.46
CA ILE A 119 -23.47 -10.28 -2.21
C ILE A 119 -24.42 -9.18 -1.75
N ALA A 120 -24.52 -8.98 -0.44
CA ALA A 120 -25.38 -7.92 0.08
C ALA A 120 -24.90 -6.55 -0.38
N GLY A 121 -23.58 -6.33 -0.37
CA GLY A 121 -23.05 -5.03 -0.75
C GLY A 121 -23.19 -4.76 -2.24
N ALA A 122 -23.31 -5.82 -3.04
CA ALA A 122 -23.51 -5.64 -4.47
C ALA A 122 -24.84 -4.97 -4.76
N LEU A 123 -25.79 -5.05 -3.84
CA LEU A 123 -27.07 -4.38 -3.98
C LEU A 123 -27.08 -2.97 -3.38
N ILE A 124 -25.97 -2.52 -2.82
CA ILE A 124 -25.97 -1.24 -2.12
C ILE A 124 -25.48 -0.12 -3.03
N MET A 125 -24.23 -0.21 -3.48
CA MET A 125 -23.63 0.86 -4.26
C MET A 125 -24.33 1.06 -5.61
N PRO A 126 -24.59 0.01 -6.41
CA PRO A 126 -25.33 0.23 -7.66
C PRO A 126 -26.73 0.80 -7.46
N THR A 127 -27.41 0.40 -6.39
CA THR A 127 -28.80 0.80 -6.19
C THR A 127 -28.88 2.24 -5.67
N THR A 128 -27.94 2.64 -4.82
CA THR A 128 -27.95 3.97 -4.25
C THR A 128 -27.79 5.04 -5.32
N LEU A 129 -26.89 4.80 -6.28
CA LEU A 129 -26.68 5.76 -7.34
C LEU A 129 -27.93 5.94 -8.19
N SER A 130 -28.62 4.84 -8.50
CA SER A 130 -29.86 4.92 -9.25
C SER A 130 -30.95 5.61 -8.44
N MET A 131 -31.02 5.32 -7.14
CA MET A 131 -32.03 5.96 -6.30
C MET A 131 -31.83 7.46 -6.22
N ILE A 132 -30.56 7.91 -6.25
CA ILE A 132 -30.29 9.34 -6.28
C ILE A 132 -30.90 9.97 -7.52
N ARG A 133 -30.75 9.32 -8.67
CA ARG A 133 -31.37 9.83 -9.89
C ARG A 133 -32.89 9.80 -9.79
N VAL A 134 -33.44 8.75 -9.18
CA VAL A 134 -34.90 8.63 -9.11
C VAL A 134 -35.49 9.73 -8.23
N ILE A 135 -34.89 9.98 -7.07
CA ILE A 135 -35.45 10.97 -6.15
C ILE A 135 -35.35 12.37 -6.72
N PHE A 136 -34.21 12.72 -7.30
CA PHE A 136 -33.95 14.06 -7.80
C PHE A 136 -34.19 14.09 -9.30
N GLU A 137 -35.18 14.87 -9.75
CA GLU A 137 -35.36 15.14 -11.17
C GLU A 137 -35.29 16.64 -11.37
N ASN A 138 -34.06 17.16 -11.42
CA ASN A 138 -33.72 18.52 -11.78
C ASN A 138 -32.21 18.57 -11.98
N PRO A 139 -31.72 19.00 -13.14
CA PRO A 139 -30.26 18.99 -13.34
C PRO A 139 -29.49 19.82 -12.32
N LYS A 140 -29.96 21.04 -12.06
CA LYS A 140 -29.27 21.90 -11.11
C LYS A 140 -29.25 21.28 -9.71
N GLU A 141 -30.37 20.69 -9.30
CA GLU A 141 -30.43 20.04 -7.99
C GLU A 141 -29.71 18.69 -8.00
N ARG A 142 -29.78 17.96 -9.12
CA ARG A 142 -29.12 16.65 -9.15
C ARG A 142 -27.61 16.78 -9.10
N ALA A 143 -27.05 17.85 -9.65
CA ALA A 143 -25.59 18.03 -9.58
C ALA A 143 -25.13 18.16 -8.13
N THR A 144 -25.76 19.07 -7.37
CA THR A 144 -25.38 19.24 -5.98
C THR A 144 -25.81 18.07 -5.11
N ALA A 145 -26.75 17.25 -5.58
CA ALA A 145 -27.04 16.01 -4.88
C ALA A 145 -25.94 14.98 -5.10
N LEU A 146 -25.46 14.84 -6.34
CA LEU A 146 -24.44 13.85 -6.64
C LEU A 146 -23.07 14.23 -6.11
N ALA A 147 -22.83 15.53 -5.86
CA ALA A 147 -21.55 15.91 -5.27
C ALA A 147 -21.37 15.27 -3.90
N VAL A 148 -22.43 15.26 -3.07
CA VAL A 148 -22.34 14.65 -1.75
C VAL A 148 -22.13 13.15 -1.87
N TRP A 149 -22.78 12.52 -2.85
CA TRP A 149 -22.55 11.09 -3.06
C TRP A 149 -21.11 10.82 -3.43
N SER A 150 -20.53 11.66 -4.28
CA SER A 150 -19.12 11.50 -4.62
C SER A 150 -18.23 11.63 -3.40
N ILE A 151 -18.52 12.55 -2.52
CA ILE A 151 -17.64 12.71 -1.42
C ILE A 151 -17.69 11.45 -0.74
N ALA A 152 -18.84 10.93 -0.39
CA ALA A 152 -18.88 9.73 0.43
C ALA A 152 -18.23 8.52 -0.14
N SER A 153 -18.58 8.11 -1.31
CA SER A 153 -18.01 6.91 -1.80
C SER A 153 -16.55 6.83 -1.59
N SER A 154 -15.86 7.95 -1.51
CA SER A 154 -14.40 7.97 -1.40
C SER A 154 -13.78 8.54 -0.17
N ILE A 155 -14.41 9.43 0.51
CA ILE A 155 -13.82 9.87 1.73
C ILE A 155 -13.70 8.66 2.50
N GLY A 156 -14.29 7.58 2.05
CA GLY A 156 -14.27 6.35 2.82
C GLY A 156 -12.93 5.66 2.80
N ALA A 157 -12.27 5.65 1.64
CA ALA A 157 -10.97 4.99 1.53
C ALA A 157 -9.93 5.66 2.44
N VAL A 158 -9.94 6.99 2.50
CA VAL A 158 -8.99 7.70 3.34
C VAL A 158 -9.34 7.54 4.81
N PHE A 159 -10.63 7.60 5.15
CA PHE A 159 -11.03 7.56 6.55
C PHE A 159 -11.08 6.14 7.12
N GLY A 160 -10.96 5.12 6.28
CA GLY A 160 -10.97 3.75 6.73
C GLY A 160 -9.88 3.41 7.73
N PRO A 161 -8.61 3.70 7.40
CA PRO A 161 -7.52 3.37 8.32
C PRO A 161 -7.66 4.01 9.69
N ILE A 162 -8.13 5.27 9.75
CA ILE A 162 -8.22 5.96 11.03
C ILE A 162 -9.23 5.27 11.93
N ILE A 163 -10.43 5.03 11.42
CA ILE A 163 -11.47 4.40 12.21
C ILE A 163 -11.11 2.97 12.55
N GLY A 164 -10.47 2.26 11.60
CA GLY A 164 -10.05 0.90 11.87
C GLY A 164 -9.02 0.82 12.99
N GLY A 165 -8.04 1.73 12.98
CA GLY A 165 -7.06 1.76 14.04
C GLY A 165 -7.67 2.12 15.38
N ALA A 166 -8.55 3.12 15.39
CA ALA A 166 -9.20 3.52 16.64
C ALA A 166 -10.06 2.38 17.19
N LEU A 167 -10.68 1.60 16.30
CA LEU A 167 -11.50 0.49 16.74
C LEU A 167 -10.65 -0.68 17.24
N LEU A 168 -9.53 -0.95 16.57
CA LEU A 168 -8.71 -2.09 16.92
C LEU A 168 -7.86 -1.83 18.16
N GLU A 169 -7.50 -0.58 18.42
CA GLU A 169 -6.72 -0.27 19.62
C GLU A 169 -7.49 -0.62 20.88
N GLN A 170 -8.78 -0.31 20.91
CA GLN A 170 -9.64 -0.66 22.01
C GLN A 170 -10.48 -1.88 21.64
N PHE A 171 -11.44 -2.23 22.50
CA PHE A 171 -12.36 -3.34 22.26
C PHE A 171 -11.63 -4.63 21.93
N SER A 172 -11.91 -5.19 20.76
CA SER A 172 -11.28 -6.44 20.33
C SER A 172 -11.49 -6.58 18.82
N TRP A 173 -11.04 -7.71 18.29
CA TRP A 173 -11.13 -7.94 16.85
C TRP A 173 -12.59 -8.03 16.40
N HIS A 174 -13.44 -8.72 17.16
CA HIS A 174 -14.80 -8.97 16.71
C HIS A 174 -15.66 -7.72 16.71
N SER A 175 -15.17 -6.62 17.27
CA SER A 175 -15.86 -5.34 17.13
C SER A 175 -15.72 -4.75 15.74
N ALA A 176 -14.83 -5.29 14.91
CA ALA A 176 -14.62 -4.74 13.56
C ALA A 176 -15.92 -4.70 12.78
N PHE A 177 -16.81 -5.65 13.01
CA PHE A 177 -18.14 -5.59 12.44
C PHE A 177 -19.19 -5.10 13.42
N LEU A 178 -18.92 -5.21 14.73
CA LEU A 178 -19.91 -4.83 15.73
C LEU A 178 -20.24 -3.34 15.68
N ILE A 179 -19.28 -2.49 15.30
CA ILE A 179 -19.56 -1.08 15.08
C ILE A 179 -20.52 -0.84 13.92
N ASN A 180 -20.52 -1.73 12.93
CA ASN A 180 -21.31 -1.55 11.71
C ASN A 180 -22.77 -1.93 11.90
N VAL A 181 -23.12 -2.62 12.97
CA VAL A 181 -24.49 -3.09 13.14
C VAL A 181 -25.41 -1.95 13.57
N PRO A 182 -25.17 -1.26 14.69
CA PRO A 182 -26.11 -0.19 15.08
C PRO A 182 -26.17 0.94 14.08
N PHE A 183 -25.11 1.16 13.30
CA PHE A 183 -25.14 2.22 12.30
C PHE A 183 -25.97 1.82 11.08
N ALA A 184 -25.88 0.54 10.68
CA ALA A 184 -26.64 0.09 9.53
C ALA A 184 -28.12 -0.04 9.85
N ILE A 185 -28.44 -0.50 11.05
CA ILE A 185 -29.84 -0.69 11.43
C ILE A 185 -30.60 0.62 11.31
N ILE A 186 -30.05 1.69 11.87
CA ILE A 186 -30.68 3.01 11.76
C ILE A 186 -30.99 3.32 10.31
N ALA A 187 -30.08 2.94 9.41
CA ALA A 187 -30.30 3.09 7.97
C ALA A 187 -31.69 2.61 7.56
N VAL A 188 -32.00 1.33 7.84
CA VAL A 188 -33.30 0.82 7.42
C VAL A 188 -34.41 1.55 8.16
N VAL A 189 -34.18 1.91 9.42
CA VAL A 189 -35.20 2.62 10.20
C VAL A 189 -35.56 3.93 9.51
N ALA A 190 -34.62 4.48 8.75
CA ALA A 190 -34.93 5.64 7.92
C ALA A 190 -35.15 5.25 6.47
N GLY A 191 -34.52 4.17 6.01
CA GLY A 191 -34.62 3.78 4.62
C GLY A 191 -36.02 3.41 4.18
N LEU A 192 -36.90 3.08 5.11
CA LEU A 192 -38.28 2.76 4.81
C LEU A 192 -39.22 3.94 5.00
N PHE A 193 -38.71 5.05 5.58
CA PHE A 193 -39.59 6.13 5.99
C PHE A 193 -39.46 7.36 5.11
N LEU A 194 -38.40 7.47 4.32
CA LEU A 194 -38.18 8.62 3.46
C LEU A 194 -37.67 8.24 2.07
N LEU A 195 -38.16 7.15 1.52
CA LEU A 195 -37.73 6.69 0.20
C LEU A 195 -38.92 6.45 -0.72
N PRO A 196 -38.79 6.82 -1.99
CA PRO A 196 -39.86 6.52 -2.96
C PRO A 196 -39.72 5.14 -3.57
N GLU A 197 -40.56 4.84 -4.56
CA GLU A 197 -40.53 3.55 -5.24
C GLU A 197 -40.45 3.80 -6.75
N SER A 198 -39.73 2.91 -7.44
CA SER A 198 -39.61 3.03 -8.89
C SER A 198 -40.32 1.88 -9.59
N LYS A 199 -39.89 0.66 -9.32
CA LYS A 199 -40.57 -0.56 -9.75
C LYS A 199 -40.97 -0.50 -11.23
N LEU A 200 -39.95 -0.54 -12.08
CA LEU A 200 -40.17 -0.52 -13.52
C LEU A 200 -41.18 -1.59 -13.91
N SER A 201 -42.16 -1.21 -14.74
CA SER A 201 -43.31 -2.05 -14.99
C SER A 201 -42.95 -3.25 -15.85
N LYS A 202 -43.89 -4.21 -15.89
CA LYS A 202 -43.75 -5.41 -16.70
C LYS A 202 -43.88 -5.14 -18.20
N GLU A 203 -44.26 -3.92 -18.58
CA GLU A 203 -44.58 -3.62 -19.98
C GLU A 203 -43.36 -3.85 -20.88
N LYS A 204 -42.19 -3.39 -20.45
CA LYS A 204 -40.97 -3.53 -21.22
C LYS A 204 -40.02 -4.58 -20.62
N SER A 205 -40.46 -5.29 -19.59
CA SER A 205 -39.65 -6.31 -18.93
C SER A 205 -40.17 -7.68 -19.34
N HIS A 206 -39.30 -8.51 -19.91
CA HIS A 206 -39.63 -9.87 -20.26
C HIS A 206 -39.07 -10.81 -19.19
N SER A 207 -39.12 -12.11 -19.47
CA SER A 207 -38.60 -13.10 -18.54
C SER A 207 -37.08 -12.99 -18.44
N TRP A 208 -36.56 -13.42 -17.29
CA TRP A 208 -35.12 -13.32 -17.04
C TRP A 208 -34.34 -14.21 -18.00
N ASP A 209 -33.11 -13.80 -18.29
CA ASP A 209 -32.23 -14.51 -19.21
C ASP A 209 -31.16 -15.24 -18.41
N ILE A 210 -31.22 -16.56 -18.38
CA ILE A 210 -30.19 -17.35 -17.72
C ILE A 210 -28.82 -17.17 -18.39
N PRO A 211 -28.68 -17.32 -19.71
CA PRO A 211 -27.34 -17.18 -20.31
C PRO A 211 -26.70 -15.84 -20.06
N SER A 212 -27.47 -14.75 -20.14
CA SER A 212 -26.89 -13.43 -19.92
C SER A 212 -26.31 -13.33 -18.53
N THR A 213 -27.07 -13.74 -17.52
CA THR A 213 -26.60 -13.65 -16.14
C THR A 213 -25.37 -14.51 -15.90
N ILE A 214 -25.43 -15.78 -16.30
CA ILE A 214 -24.30 -16.68 -16.04
C ILE A 214 -23.05 -16.18 -16.76
N LEU A 215 -23.18 -15.83 -18.04
CA LEU A 215 -22.03 -15.39 -18.80
C LEU A 215 -21.44 -14.11 -18.23
N SER A 216 -22.28 -13.15 -17.86
CA SER A 216 -21.76 -11.90 -17.31
C SER A 216 -21.03 -12.13 -15.99
N ILE A 217 -21.62 -12.91 -15.08
CA ILE A 217 -20.99 -13.14 -13.79
C ILE A 217 -19.65 -13.83 -13.98
N ALA A 218 -19.63 -14.91 -14.79
CA ALA A 218 -18.40 -15.67 -14.95
C ALA A 218 -17.32 -14.83 -15.63
N GLY A 219 -17.69 -14.04 -16.64
CA GLY A 219 -16.71 -13.22 -17.31
C GLY A 219 -16.11 -12.17 -16.40
N MET A 220 -16.95 -11.49 -15.62
CA MET A 220 -16.45 -10.45 -14.74
C MET A 220 -15.53 -11.03 -13.67
N ILE A 221 -15.95 -12.13 -13.06
CA ILE A 221 -15.12 -12.76 -12.02
C ILE A 221 -13.80 -13.23 -12.61
N GLY A 222 -13.85 -13.84 -13.79
CA GLY A 222 -12.63 -14.29 -14.43
C GLY A 222 -11.68 -13.14 -14.73
N LEU A 223 -12.20 -12.03 -15.23
CA LEU A 223 -11.36 -10.87 -15.52
C LEU A 223 -10.68 -10.37 -14.26
N VAL A 224 -11.45 -10.17 -13.20
CA VAL A 224 -10.87 -9.62 -11.97
C VAL A 224 -9.82 -10.56 -11.40
N TRP A 225 -10.14 -11.86 -11.35
CA TRP A 225 -9.20 -12.81 -10.77
C TRP A 225 -7.96 -12.99 -11.63
N SER A 226 -8.09 -12.89 -12.95
CA SER A 226 -6.93 -12.95 -13.82
C SER A 226 -6.03 -11.74 -13.60
N ILE A 227 -6.62 -10.55 -13.43
CA ILE A 227 -5.80 -9.37 -13.13
C ILE A 227 -5.07 -9.55 -11.81
N LYS A 228 -5.76 -10.03 -10.78
CA LYS A 228 -5.11 -10.24 -9.49
C LYS A 228 -3.99 -11.28 -9.57
N GLU A 229 -4.22 -12.38 -10.29
CA GLU A 229 -3.17 -13.39 -10.43
C GLU A 229 -2.00 -12.86 -11.24
N PHE A 230 -2.26 -12.01 -12.23
CA PHE A 230 -1.17 -11.36 -12.95
C PHE A 230 -0.32 -10.55 -12.00
N SER A 231 -0.98 -9.76 -11.14
CA SER A 231 -0.23 -8.93 -10.19
C SER A 231 0.56 -9.76 -9.20
N LYS A 232 0.02 -10.92 -8.80
CA LYS A 232 0.66 -11.68 -7.73
C LYS A 232 1.75 -12.62 -8.24
N GLU A 233 1.56 -13.21 -9.42
CA GLU A 233 2.45 -14.26 -9.89
C GLU A 233 3.28 -13.87 -11.11
N GLY A 234 2.94 -12.79 -11.81
CA GLY A 234 3.66 -12.39 -12.99
C GLY A 234 3.17 -13.06 -14.26
N LEU A 235 3.48 -12.47 -15.41
CA LEU A 235 2.96 -12.93 -16.69
C LEU A 235 3.75 -14.10 -17.25
N ALA A 236 3.95 -15.13 -16.42
CA ALA A 236 4.61 -16.34 -16.86
C ALA A 236 3.73 -17.59 -16.77
N ASP A 237 2.77 -17.61 -15.85
CA ASP A 237 1.90 -18.76 -15.70
C ASP A 237 0.92 -18.85 -16.87
N ILE A 238 0.45 -20.07 -17.13
CA ILE A 238 -0.46 -20.31 -18.24
C ILE A 238 -1.93 -20.23 -17.79
N ILE A 239 -2.22 -20.62 -16.55
CA ILE A 239 -3.60 -20.61 -16.08
C ILE A 239 -4.20 -19.20 -16.10
N PRO A 240 -3.54 -18.17 -15.56
CA PRO A 240 -4.11 -16.82 -15.69
C PRO A 240 -4.25 -16.36 -17.14
N TRP A 241 -3.34 -16.78 -18.01
CA TRP A 241 -3.46 -16.45 -19.43
C TRP A 241 -4.76 -17.00 -20.01
N VAL A 242 -5.02 -18.30 -19.79
CA VAL A 242 -6.23 -18.89 -20.33
C VAL A 242 -7.46 -18.28 -19.67
N VAL A 243 -7.36 -17.93 -18.38
CA VAL A 243 -8.51 -17.36 -17.69
C VAL A 243 -8.86 -16.00 -18.25
N ILE A 244 -7.86 -15.14 -18.48
CA ILE A 244 -8.14 -13.82 -19.00
C ILE A 244 -8.67 -13.91 -20.42
N VAL A 245 -8.12 -14.81 -21.24
CA VAL A 245 -8.61 -14.89 -22.61
C VAL A 245 -10.05 -15.40 -22.65
N LEU A 246 -10.38 -16.39 -21.81
CA LEU A 246 -11.76 -16.88 -21.78
C LEU A 246 -12.70 -15.82 -21.25
N ALA A 247 -12.30 -15.08 -20.22
CA ALA A 247 -13.15 -14.03 -19.68
C ALA A 247 -13.41 -12.95 -20.72
N ILE A 248 -12.39 -12.57 -21.49
CA ILE A 248 -12.57 -11.55 -22.51
C ILE A 248 -13.54 -12.03 -23.58
N THR A 249 -13.35 -13.27 -24.06
CA THR A 249 -14.26 -13.75 -25.10
C THR A 249 -15.67 -13.92 -24.57
N MET A 250 -15.83 -14.25 -23.29
CA MET A 250 -17.17 -14.39 -22.73
C MET A 250 -17.83 -13.03 -22.54
N ILE A 251 -17.04 -12.01 -22.18
CA ILE A 251 -17.58 -10.66 -22.11
C ILE A 251 -18.03 -10.20 -23.49
N VAL A 252 -17.27 -10.57 -24.52
CA VAL A 252 -17.66 -10.25 -25.90
C VAL A 252 -18.98 -10.93 -26.23
N ILE A 253 -19.13 -12.20 -25.85
CA ILE A 253 -20.38 -12.92 -26.08
C ILE A 253 -21.54 -12.21 -25.38
N PHE A 254 -21.30 -11.78 -24.13
CA PHE A 254 -22.35 -11.08 -23.38
C PHE A 254 -22.75 -9.78 -24.05
N VAL A 255 -21.77 -9.01 -24.53
CA VAL A 255 -22.07 -7.75 -25.19
C VAL A 255 -22.86 -7.99 -26.47
N LYS A 256 -22.47 -8.99 -27.25
CA LYS A 256 -23.19 -9.28 -28.49
C LYS A 256 -24.58 -9.81 -28.21
N ARG A 257 -24.79 -10.51 -27.09
CA ARG A 257 -26.13 -10.94 -26.73
C ARG A 257 -26.99 -9.76 -26.30
N ASN A 258 -26.42 -8.83 -25.53
CA ASN A 258 -27.20 -7.70 -25.02
C ASN A 258 -27.41 -6.60 -26.06
N LEU A 259 -26.61 -6.57 -27.13
CA LEU A 259 -26.75 -5.51 -28.10
C LEU A 259 -28.06 -5.61 -28.86
N SER A 260 -28.36 -6.79 -29.40
CA SER A 260 -29.46 -6.94 -30.35
C SER A 260 -30.70 -7.58 -29.76
N SER A 261 -30.56 -8.36 -28.69
CA SER A 261 -31.72 -9.02 -28.12
C SER A 261 -32.67 -7.99 -27.50
N SER A 262 -33.96 -8.31 -27.53
CA SER A 262 -34.96 -7.43 -26.96
C SER A 262 -34.82 -7.39 -25.44
N ASP A 263 -35.28 -6.28 -24.86
CA ASP A 263 -35.26 -5.94 -23.43
C ASP A 263 -34.01 -6.49 -22.74
N PRO A 264 -32.82 -6.02 -23.12
CA PRO A 264 -31.60 -6.60 -22.57
C PRO A 264 -31.39 -6.24 -21.11
N MET A 265 -30.61 -7.09 -20.43
CA MET A 265 -30.31 -6.84 -19.03
C MET A 265 -29.54 -5.54 -18.85
N LEU A 266 -28.45 -5.36 -19.59
CA LEU A 266 -27.68 -4.13 -19.58
C LEU A 266 -27.67 -3.59 -21.01
N ASP A 267 -28.60 -2.69 -21.29
CA ASP A 267 -28.75 -2.13 -22.64
C ASP A 267 -27.51 -1.32 -22.99
N VAL A 268 -26.67 -1.86 -23.86
CA VAL A 268 -25.46 -1.16 -24.29
C VAL A 268 -25.88 -0.26 -25.46
N ARG A 269 -26.50 0.85 -25.10
CA ARG A 269 -26.83 1.90 -26.07
C ARG A 269 -26.49 3.29 -25.55
N LEU A 270 -26.19 3.44 -24.27
CA LEU A 270 -25.76 4.74 -23.76
C LEU A 270 -24.36 5.10 -24.25
N PHE A 271 -23.52 4.09 -24.51
CA PHE A 271 -22.18 4.36 -24.99
C PHE A 271 -22.18 5.04 -26.34
N LYS A 272 -23.28 4.94 -27.10
CA LYS A 272 -23.38 5.70 -28.34
C LYS A 272 -23.35 7.20 -28.07
N LYS A 273 -24.03 7.65 -27.01
CA LYS A 273 -24.00 9.06 -26.63
C LYS A 273 -22.64 9.40 -26.04
N ARG A 274 -22.05 10.50 -26.52
CA ARG A 274 -20.73 10.88 -26.05
C ARG A 274 -20.74 11.29 -24.59
N SER A 275 -21.86 11.85 -24.11
CA SER A 275 -21.92 12.32 -22.73
C SER A 275 -21.72 11.19 -21.75
N PHE A 276 -22.32 10.02 -22.03
CA PHE A 276 -22.11 8.86 -21.17
C PHE A 276 -20.66 8.39 -21.22
N SER A 277 -20.08 8.33 -22.42
CA SER A 277 -18.74 7.78 -22.59
C SER A 277 -17.70 8.64 -21.88
N ALA A 278 -17.87 9.97 -21.92
CA ALA A 278 -16.91 10.85 -21.26
C ALA A 278 -16.83 10.55 -19.77
N GLY A 279 -17.98 10.47 -19.10
CA GLY A 279 -17.97 10.19 -17.68
C GLY A 279 -17.49 8.79 -17.37
N THR A 280 -17.87 7.82 -18.19
CA THR A 280 -17.41 6.44 -17.98
C THR A 280 -15.89 6.35 -18.05
N ILE A 281 -15.29 7.01 -19.03
CA ILE A 281 -13.83 7.02 -19.14
C ILE A 281 -13.22 7.79 -17.98
N ALA A 282 -13.86 8.89 -17.56
CA ALA A 282 -13.31 9.72 -16.50
C ALA A 282 -13.23 8.98 -15.17
N ALA A 283 -14.26 8.19 -14.85
CA ALA A 283 -14.30 7.53 -13.53
C ALA A 283 -13.15 6.54 -13.36
N PHE A 284 -12.86 5.76 -14.41
CA PHE A 284 -11.79 4.76 -14.34
C PHE A 284 -10.46 5.39 -13.95
N MET A 285 -10.03 6.41 -14.69
CA MET A 285 -8.75 7.04 -14.42
C MET A 285 -8.80 8.02 -13.26
N THR A 286 -10.00 8.38 -12.77
CA THR A 286 -10.08 9.07 -11.49
C THR A 286 -9.76 8.12 -10.35
N MET A 287 -10.23 6.88 -10.45
CA MET A 287 -9.95 5.89 -9.41
C MET A 287 -8.53 5.34 -9.49
N PHE A 288 -7.95 5.32 -10.70
CA PHE A 288 -6.55 4.91 -10.86
C PHE A 288 -5.65 5.63 -9.87
N ALA A 289 -5.84 6.95 -9.76
CA ALA A 289 -4.96 7.79 -8.96
C ALA A 289 -4.91 7.35 -7.52
N MET A 290 -6.07 7.21 -6.88
CA MET A 290 -6.05 6.83 -5.47
C MET A 290 -5.65 5.38 -5.32
N ALA A 291 -6.07 4.50 -6.23
CA ALA A 291 -5.71 3.09 -6.13
C ALA A 291 -4.19 2.93 -6.06
N SER A 292 -3.45 3.78 -6.76
CA SER A 292 -2.00 3.74 -6.61
C SER A 292 -1.53 4.52 -5.38
N VAL A 293 -1.90 5.80 -5.32
CA VAL A 293 -1.25 6.75 -4.43
C VAL A 293 -1.53 6.42 -2.97
N LEU A 294 -2.77 6.05 -2.65
CA LEU A 294 -3.11 5.82 -1.24
C LEU A 294 -2.22 4.73 -0.65
N LEU A 295 -2.13 3.58 -1.33
CA LEU A 295 -1.33 2.47 -0.83
C LEU A 295 0.15 2.84 -0.82
N LEU A 296 0.65 3.45 -1.90
CA LEU A 296 2.07 3.75 -1.94
C LEU A 296 2.48 4.74 -0.86
N ALA A 297 1.65 5.78 -0.65
CA ALA A 297 1.93 6.75 0.39
C ALA A 297 1.79 6.15 1.78
N SER A 298 0.84 5.23 1.97
CA SER A 298 0.74 4.56 3.26
C SER A 298 2.03 3.81 3.58
N GLN A 299 2.56 3.08 2.59
CA GLN A 299 3.83 2.38 2.82
C GLN A 299 4.97 3.35 3.06
N TRP A 300 5.02 4.45 2.31
CA TRP A 300 6.07 5.43 2.48
C TRP A 300 6.04 6.05 3.88
N LEU A 301 4.85 6.40 4.37
CA LEU A 301 4.74 6.91 5.73
C LEU A 301 5.08 5.85 6.76
N GLN A 302 4.74 4.59 6.47
CA GLN A 302 5.09 3.49 7.36
C GLN A 302 6.60 3.39 7.54
N VAL A 303 7.35 3.49 6.44
CA VAL A 303 8.78 3.21 6.48
C VAL A 303 9.59 4.44 6.84
N VAL A 304 9.46 5.50 6.04
CA VAL A 304 10.38 6.62 6.12
C VAL A 304 10.25 7.35 7.45
N GLU A 305 9.01 7.69 7.82
CA GLU A 305 8.78 8.46 9.03
C GLU A 305 8.67 7.60 10.28
N GLU A 306 8.64 6.27 10.12
CA GLU A 306 8.58 5.33 11.25
C GLU A 306 7.34 5.56 12.11
N LEU A 307 6.17 5.40 11.49
CA LEU A 307 4.89 5.54 12.18
C LEU A 307 4.13 4.22 12.20
N SER A 308 3.27 4.10 13.20
CA SER A 308 2.36 2.98 13.30
C SER A 308 1.29 3.07 12.22
N PRO A 309 0.68 1.95 11.84
CA PRO A 309 -0.34 2.00 10.78
C PRO A 309 -1.49 2.94 11.08
N PHE A 310 -1.91 3.03 12.34
CA PHE A 310 -2.96 3.97 12.71
C PHE A 310 -2.52 5.41 12.46
N LYS A 311 -1.34 5.78 12.96
CA LYS A 311 -0.84 7.13 12.72
C LYS A 311 -0.46 7.34 11.25
N ALA A 312 0.00 6.30 10.57
CA ALA A 312 0.30 6.42 9.14
C ALA A 312 -0.95 6.75 8.35
N GLY A 313 -2.06 6.09 8.67
CA GLY A 313 -3.33 6.45 8.04
C GLY A 313 -3.78 7.83 8.42
N LEU A 314 -3.58 8.21 9.70
CA LEU A 314 -3.99 9.53 10.16
C LEU A 314 -3.25 10.64 9.42
N TYR A 315 -1.99 10.40 9.06
CA TYR A 315 -1.20 11.42 8.37
C TYR A 315 -1.71 11.71 6.97
N LEU A 316 -2.56 10.87 6.40
CA LEU A 316 -3.05 11.04 5.03
C LEU A 316 -4.32 11.86 4.94
N LEU A 317 -4.67 12.58 6.01
CA LEU A 317 -5.86 13.42 5.99
C LEU A 317 -5.90 14.47 4.88
N PRO A 318 -4.79 15.15 4.52
CA PRO A 318 -4.89 16.19 3.48
C PRO A 318 -5.51 15.72 2.18
N MET A 319 -5.27 14.48 1.76
CA MET A 319 -5.90 13.99 0.54
C MET A 319 -7.42 14.00 0.68
N ALA A 320 -7.92 13.57 1.83
CA ALA A 320 -9.37 13.57 2.06
C ALA A 320 -9.91 14.99 2.13
N ILE A 321 -9.21 15.88 2.83
CA ILE A 321 -9.75 17.22 3.03
C ILE A 321 -9.75 18.00 1.73
N GLY A 322 -8.79 17.74 0.84
CA GLY A 322 -8.80 18.40 -0.45
C GLY A 322 -10.05 18.06 -1.24
N ASP A 323 -10.42 16.78 -1.29
CA ASP A 323 -11.65 16.38 -1.96
C ASP A 323 -12.87 16.96 -1.25
N MET A 324 -12.87 16.91 0.08
CA MET A 324 -14.02 17.39 0.84
C MET A 324 -14.26 18.88 0.63
N VAL A 325 -13.19 19.64 0.37
CA VAL A 325 -13.32 21.06 0.10
C VAL A 325 -13.66 21.33 -1.36
N PHE A 326 -13.03 20.61 -2.30
CA PHE A 326 -13.21 20.90 -3.71
C PHE A 326 -14.54 20.40 -4.28
N ALA A 327 -15.06 19.26 -3.81
CA ALA A 327 -16.25 18.69 -4.42
C ALA A 327 -17.48 19.59 -4.35
N PRO A 328 -17.81 20.20 -3.19
CA PRO A 328 -19.00 21.07 -3.17
C PRO A 328 -18.92 22.23 -4.14
N ILE A 329 -17.73 22.78 -4.40
CA ILE A 329 -17.61 23.89 -5.33
C ILE A 329 -17.58 23.43 -6.78
N ALA A 330 -17.44 22.12 -7.03
CA ALA A 330 -17.33 21.64 -8.40
C ALA A 330 -18.58 21.86 -9.23
N PRO A 331 -19.79 21.48 -8.78
CA PRO A 331 -20.97 21.67 -9.65
C PRO A 331 -21.24 23.12 -9.99
N GLY A 332 -20.98 24.05 -9.06
CA GLY A 332 -21.17 25.45 -9.37
C GLY A 332 -20.23 25.92 -10.47
N LEU A 333 -18.98 25.45 -10.45
CA LEU A 333 -18.05 25.79 -11.50
C LEU A 333 -18.47 25.16 -12.82
N ALA A 334 -18.96 23.92 -12.77
CA ALA A 334 -19.34 23.22 -14.00
C ALA A 334 -20.56 23.86 -14.65
N ALA A 335 -21.49 24.37 -13.83
CA ALA A 335 -22.71 24.95 -14.37
C ALA A 335 -22.41 26.19 -15.21
N ARG A 336 -21.43 27.00 -14.82
CA ARG A 336 -21.14 28.25 -15.51
C ARG A 336 -20.01 28.13 -16.52
N PHE A 337 -19.06 27.21 -16.31
CA PHE A 337 -17.96 27.03 -17.26
C PHE A 337 -18.22 25.89 -18.24
N GLY A 338 -19.27 25.10 -18.04
CA GLY A 338 -19.50 23.94 -18.85
C GLY A 338 -18.68 22.76 -18.36
N PRO A 339 -18.97 21.57 -18.85
CA PRO A 339 -18.19 20.40 -18.44
C PRO A 339 -16.90 20.25 -19.21
N LYS A 340 -16.89 20.75 -20.45
CA LYS A 340 -15.75 20.53 -21.35
C LYS A 340 -14.46 21.06 -20.76
N ILE A 341 -14.56 22.07 -19.91
CA ILE A 341 -13.38 22.63 -19.25
C ILE A 341 -13.25 22.09 -17.83
N VAL A 342 -14.35 22.03 -17.08
CA VAL A 342 -14.26 21.69 -15.67
C VAL A 342 -13.84 20.25 -15.46
N LEU A 343 -14.45 19.30 -16.19
CA LEU A 343 -14.17 17.90 -15.93
C LEU A 343 -12.71 17.59 -16.27
N PRO A 344 -12.18 17.98 -17.43
CA PRO A 344 -10.73 17.78 -17.65
C PRO A 344 -9.87 18.53 -16.67
N SER A 345 -10.34 19.64 -16.11
CA SER A 345 -9.51 20.44 -15.21
C SER A 345 -9.19 19.67 -13.94
N GLY A 346 -10.15 18.90 -13.42
CA GLY A 346 -9.87 18.10 -12.23
C GLY A 346 -8.81 17.05 -12.47
N ILE A 347 -8.91 16.35 -13.60
CA ILE A 347 -7.91 15.35 -13.94
C ILE A 347 -6.54 16.00 -14.14
N GLY A 348 -6.53 17.18 -14.77
CA GLY A 348 -5.28 17.89 -14.95
C GLY A 348 -4.67 18.35 -13.64
N ILE A 349 -5.49 18.79 -12.70
CA ILE A 349 -4.97 19.21 -11.40
C ILE A 349 -4.44 18.01 -10.63
N ALA A 350 -5.11 16.87 -10.74
CA ALA A 350 -4.57 15.65 -10.14
C ALA A 350 -3.23 15.27 -10.76
N ALA A 351 -3.12 15.42 -12.09
CA ALA A 351 -1.86 15.15 -12.76
C ALA A 351 -0.76 16.10 -12.28
N ILE A 352 -1.10 17.38 -12.09
CA ILE A 352 -0.12 18.34 -11.59
C ILE A 352 0.32 17.96 -10.17
N GLY A 353 -0.64 17.57 -9.33
CA GLY A 353 -0.31 17.18 -7.97
C GLY A 353 0.49 15.90 -7.87
N MET A 354 0.38 15.02 -8.86
CA MET A 354 1.22 13.84 -8.89
C MET A 354 2.54 14.08 -9.61
N PHE A 355 2.63 15.14 -10.43
CA PHE A 355 3.91 15.55 -11.00
C PHE A 355 4.78 16.22 -9.95
N ILE A 356 4.18 17.07 -9.11
CA ILE A 356 4.94 17.77 -8.09
C ILE A 356 5.56 16.82 -7.09
N MET A 357 5.13 15.55 -7.10
CA MET A 357 5.77 14.55 -6.25
C MET A 357 7.14 14.16 -6.78
N TYR A 358 7.29 14.14 -8.10
CA TYR A 358 8.57 13.82 -8.73
C TYR A 358 9.43 15.06 -8.91
N PHE A 359 8.91 16.04 -9.64
CA PHE A 359 9.75 17.15 -10.11
C PHE A 359 10.37 17.90 -8.94
N PHE A 360 9.62 18.11 -7.87
CA PHE A 360 10.01 18.97 -6.77
C PHE A 360 10.48 18.16 -5.55
N GLY A 361 10.07 16.91 -5.45
CA GLY A 361 10.25 16.18 -4.20
C GLY A 361 11.05 14.88 -4.30
N HIS A 362 12.13 14.86 -5.07
CA HIS A 362 12.93 13.65 -5.17
C HIS A 362 13.41 13.14 -3.81
N PRO A 363 14.02 13.98 -2.94
CA PRO A 363 14.12 13.57 -1.52
C PRO A 363 12.87 13.99 -0.76
N LEU A 364 11.81 13.19 -0.91
CA LEU A 364 10.48 13.58 -0.45
C LEU A 364 10.44 13.85 1.05
N SER A 365 9.73 14.91 1.42
CA SER A 365 9.41 15.21 2.81
C SER A 365 7.90 15.37 2.93
N TYR A 366 7.40 15.29 4.16
CA TYR A 366 5.95 15.26 4.35
C TYR A 366 5.24 16.52 3.87
N SER A 367 5.91 17.68 3.91
CA SER A 367 5.27 18.90 3.43
C SER A 367 4.92 18.79 1.95
N THR A 368 5.85 18.30 1.14
CA THR A 368 5.57 18.10 -0.27
C THR A 368 4.46 17.07 -0.46
N MET A 369 4.47 16.02 0.34
CA MET A 369 3.41 15.02 0.24
C MET A 369 2.03 15.59 0.52
N ALA A 370 1.90 16.43 1.54
CA ALA A 370 0.60 17.04 1.81
C ALA A 370 0.18 18.01 0.71
N LEU A 371 1.12 18.85 0.27
CA LEU A 371 0.77 19.82 -0.76
C LEU A 371 0.55 19.17 -2.10
N ALA A 372 0.92 17.91 -2.26
CA ALA A 372 0.55 17.12 -3.42
C ALA A 372 -0.78 16.39 -3.23
N LEU A 373 -1.02 15.88 -2.02
CA LEU A 373 -2.24 15.13 -1.76
C LEU A 373 -3.47 16.03 -1.86
N ILE A 374 -3.31 17.33 -1.57
CA ILE A 374 -4.43 18.24 -1.74
C ILE A 374 -4.84 18.31 -3.21
N LEU A 375 -3.86 18.46 -4.09
CA LEU A 375 -4.16 18.52 -5.51
C LEU A 375 -4.73 17.19 -6.01
N VAL A 376 -4.24 16.08 -5.47
CA VAL A 376 -4.82 14.78 -5.82
C VAL A 376 -6.27 14.71 -5.37
N GLY A 377 -6.58 15.29 -4.22
CA GLY A 377 -7.97 15.35 -3.77
C GLY A 377 -8.84 16.18 -4.69
N ALA A 378 -8.26 17.18 -5.34
CA ALA A 378 -9.05 17.92 -6.34
C ALA A 378 -9.51 17.00 -7.47
N GLY A 379 -8.59 16.24 -8.05
CA GLY A 379 -8.99 15.27 -9.07
C GLY A 379 -9.88 14.18 -8.53
N MET A 380 -9.78 13.91 -7.23
CA MET A 380 -10.75 13.06 -6.57
C MET A 380 -12.15 13.66 -6.65
N ALA A 381 -12.26 14.96 -6.39
CA ALA A 381 -13.54 15.64 -6.38
C ALA A 381 -14.13 15.78 -7.77
N SER A 382 -13.29 15.71 -8.81
CA SER A 382 -13.81 15.77 -10.17
C SER A 382 -14.79 14.63 -10.47
N LEU A 383 -14.77 13.58 -9.65
CA LEU A 383 -15.69 12.45 -9.85
C LEU A 383 -17.14 12.90 -9.77
N ALA A 384 -17.43 13.93 -8.99
CA ALA A 384 -18.80 14.43 -8.89
C ALA A 384 -19.29 14.93 -10.25
N VAL A 385 -18.48 15.74 -10.90
CA VAL A 385 -18.84 16.22 -12.23
C VAL A 385 -18.97 15.07 -13.21
N ALA A 386 -18.02 14.14 -13.15
CA ALA A 386 -18.05 13.00 -14.05
C ALA A 386 -19.32 12.18 -13.84
N SER A 387 -19.65 11.91 -12.59
CA SER A 387 -20.86 11.14 -12.29
C SER A 387 -22.08 11.88 -12.82
N ALA A 388 -22.13 13.19 -12.59
CA ALA A 388 -23.24 13.99 -13.08
C ALA A 388 -23.37 13.83 -14.59
N LEU A 389 -22.27 14.09 -15.30
CA LEU A 389 -22.29 13.95 -16.75
C LEU A 389 -22.87 12.62 -17.19
N ILE A 390 -22.57 11.55 -16.46
CA ILE A 390 -23.04 10.23 -16.86
C ILE A 390 -24.57 10.18 -16.85
N MET A 391 -25.19 10.73 -15.81
CA MET A 391 -26.64 10.68 -15.67
C MET A 391 -27.32 11.93 -16.22
N LEU A 392 -26.64 12.70 -17.06
CA LEU A 392 -27.21 13.95 -17.54
C LEU A 392 -28.36 13.69 -18.51
N GLU A 393 -28.15 12.84 -19.51
CA GLU A 393 -29.15 12.54 -20.53
C GLU A 393 -29.43 11.05 -20.46
N THR A 394 -30.34 10.66 -19.57
CA THR A 394 -30.65 9.25 -19.37
C THR A 394 -32.03 9.11 -18.71
N PRO A 395 -32.94 8.37 -19.32
CA PRO A 395 -34.25 8.15 -18.69
C PRO A 395 -34.12 7.31 -17.43
N THR A 396 -35.23 7.22 -16.69
CA THR A 396 -35.22 6.64 -15.35
C THR A 396 -34.75 5.19 -15.34
N SER A 397 -35.38 4.35 -16.17
CA SER A 397 -34.98 2.95 -16.21
C SER A 397 -33.56 2.79 -16.74
N LYS A 398 -33.23 3.54 -17.79
CA LYS A 398 -31.87 3.51 -18.29
C LYS A 398 -30.87 4.03 -17.25
N ALA A 399 -31.29 4.96 -16.41
CA ALA A 399 -30.39 5.45 -15.36
C ALA A 399 -30.17 4.39 -14.28
N GLY A 400 -31.22 3.66 -13.92
CA GLY A 400 -31.05 2.54 -13.02
C GLY A 400 -30.11 1.50 -13.59
N ASN A 401 -30.19 1.28 -14.90
CA ASN A 401 -29.24 0.40 -15.55
C ASN A 401 -27.82 0.97 -15.50
N ALA A 402 -27.68 2.28 -15.76
CA ALA A 402 -26.37 2.90 -15.92
C ALA A 402 -25.61 3.07 -14.63
N ALA A 403 -26.31 3.10 -13.49
CA ALA A 403 -25.61 3.09 -12.21
C ALA A 403 -24.72 1.87 -12.10
N ALA A 404 -25.18 0.73 -12.62
CA ALA A 404 -24.37 -0.49 -12.60
C ALA A 404 -23.11 -0.33 -13.43
N VAL A 405 -23.23 0.30 -14.61
CA VAL A 405 -22.05 0.53 -15.44
C VAL A 405 -21.07 1.43 -14.73
N GLU A 406 -21.57 2.49 -14.09
CA GLU A 406 -20.69 3.38 -13.33
C GLU A 406 -19.93 2.61 -12.25
N GLU A 407 -20.66 1.84 -11.44
CA GLU A 407 -20.02 1.15 -10.32
C GLU A 407 -19.05 0.08 -10.81
N SER A 408 -19.40 -0.65 -11.87
CA SER A 408 -18.51 -1.67 -12.39
C SER A 408 -17.24 -1.05 -12.95
N MET A 409 -17.35 0.06 -13.69
CA MET A 409 -16.15 0.73 -14.18
C MET A 409 -15.31 1.27 -13.04
N TYR A 410 -15.96 1.78 -11.99
CA TYR A 410 -15.25 2.26 -10.81
C TYR A 410 -14.42 1.15 -10.18
N ASN A 411 -15.04 0.00 -9.91
CA ASN A 411 -14.33 -1.10 -9.27
C ASN A 411 -13.24 -1.66 -10.18
N LEU A 412 -13.52 -1.79 -11.47
CA LEU A 412 -12.49 -2.24 -12.40
C LEU A 412 -11.32 -1.28 -12.44
N GLY A 413 -11.60 0.02 -12.38
CA GLY A 413 -10.52 0.99 -12.33
C GLY A 413 -9.68 0.84 -11.08
N ASN A 414 -10.33 0.63 -9.93
CA ASN A 414 -9.56 0.42 -8.71
C ASN A 414 -8.66 -0.81 -8.83
N VAL A 415 -9.21 -1.93 -9.30
CA VAL A 415 -8.43 -3.16 -9.40
C VAL A 415 -7.28 -2.99 -10.37
N PHE A 416 -7.57 -2.42 -11.54
CA PHE A 416 -6.53 -2.24 -12.56
C PHE A 416 -5.42 -1.32 -12.08
N GLY A 417 -5.79 -0.19 -11.47
CA GLY A 417 -4.78 0.72 -10.97
C GLY A 417 -3.92 0.08 -9.91
N VAL A 418 -4.54 -0.56 -8.93
CA VAL A 418 -3.77 -1.21 -7.87
C VAL A 418 -2.81 -2.22 -8.46
N ALA A 419 -3.31 -3.13 -9.30
CA ALA A 419 -2.46 -4.20 -9.82
C ALA A 419 -1.33 -3.65 -10.67
N VAL A 420 -1.64 -2.82 -11.66
CA VAL A 420 -0.63 -2.38 -12.62
C VAL A 420 0.41 -1.49 -11.93
N LEU A 421 -0.04 -0.49 -11.17
CA LEU A 421 0.94 0.44 -10.62
C LEU A 421 1.68 -0.16 -9.43
N GLY A 422 1.06 -1.07 -8.67
CA GLY A 422 1.81 -1.77 -7.65
C GLY A 422 2.87 -2.69 -8.24
N SER A 423 2.54 -3.37 -9.34
CA SER A 423 3.54 -4.19 -10.01
C SER A 423 4.69 -3.33 -10.54
N LEU A 424 4.37 -2.17 -11.12
CA LEU A 424 5.43 -1.28 -11.60
C LEU A 424 6.29 -0.79 -10.45
N SER A 425 5.67 -0.42 -9.32
CA SER A 425 6.44 0.04 -8.16
C SER A 425 7.33 -1.06 -7.63
N SER A 426 6.82 -2.29 -7.54
CA SER A 426 7.64 -3.40 -7.05
C SER A 426 8.80 -3.67 -7.98
N MET A 427 8.56 -3.66 -9.30
CA MET A 427 9.64 -3.90 -10.25
C MET A 427 10.70 -2.82 -10.16
N LEU A 428 10.28 -1.56 -10.06
CA LEU A 428 11.25 -0.47 -9.94
C LEU A 428 12.04 -0.57 -8.64
N TYR A 429 11.37 -0.90 -7.53
CA TYR A 429 12.09 -1.08 -6.27
C TYR A 429 13.12 -2.19 -6.37
N ARG A 430 12.74 -3.31 -6.98
CA ARG A 430 13.67 -4.43 -7.12
C ARG A 430 14.87 -4.05 -8.00
N VAL A 431 14.63 -3.32 -9.09
CA VAL A 431 15.75 -3.00 -9.97
C VAL A 431 16.65 -1.93 -9.35
N PHE A 432 16.09 -1.00 -8.58
CA PHE A 432 16.91 0.03 -7.95
C PHE A 432 17.67 -0.48 -6.74
N LEU A 433 17.09 -1.41 -5.97
CA LEU A 433 17.78 -1.91 -4.80
C LEU A 433 19.07 -2.64 -5.18
N ASP A 434 19.02 -3.46 -6.23
CA ASP A 434 20.17 -4.21 -6.72
C ASP A 434 20.80 -5.05 -5.61
N ILE A 435 20.01 -6.00 -5.11
CA ILE A 435 20.45 -6.82 -3.98
C ILE A 435 21.66 -7.67 -4.34
N SER A 436 21.90 -7.93 -5.63
CA SER A 436 23.03 -8.74 -6.05
C SER A 436 24.36 -8.12 -5.67
N SER A 437 24.38 -6.82 -5.36
CA SER A 437 25.60 -6.16 -4.93
C SER A 437 25.89 -6.36 -3.44
N PHE A 438 24.96 -6.93 -2.68
CA PHE A 438 25.15 -7.16 -1.25
C PHE A 438 25.38 -8.64 -0.94
N SER A 439 25.96 -9.39 -1.88
CA SER A 439 26.16 -10.82 -1.69
C SER A 439 27.43 -11.10 -0.89
N SER A 440 28.59 -10.70 -1.43
CA SER A 440 29.86 -11.07 -0.82
C SER A 440 30.07 -10.41 0.54
N LYS A 441 29.27 -9.40 0.88
CA LYS A 441 29.43 -8.66 2.13
C LYS A 441 28.28 -8.91 3.11
N GLY A 442 27.54 -10.00 2.94
CA GLY A 442 26.37 -10.20 3.75
C GLY A 442 25.24 -10.97 3.09
N ILE A 443 24.08 -10.33 2.97
CA ILE A 443 22.82 -10.96 2.60
C ILE A 443 22.97 -11.86 1.38
N VAL A 444 22.64 -13.14 1.53
CA VAL A 444 22.73 -14.13 0.47
C VAL A 444 21.57 -15.10 0.62
N GLY A 445 20.93 -15.43 -0.50
CA GLY A 445 19.92 -16.46 -0.52
C GLY A 445 18.58 -16.05 0.04
N ASP A 446 18.10 -16.79 1.06
CA ASP A 446 16.75 -16.58 1.56
C ASP A 446 16.54 -15.15 2.03
N LEU A 447 17.48 -14.62 2.82
CA LEU A 447 17.38 -13.25 3.29
C LEU A 447 17.21 -12.28 2.13
N ALA A 448 17.92 -12.53 1.02
CA ALA A 448 17.81 -11.67 -0.15
C ALA A 448 16.38 -11.56 -0.61
N HIS A 449 15.64 -12.68 -0.63
CA HIS A 449 14.25 -12.64 -1.05
C HIS A 449 13.47 -11.64 -0.20
N VAL A 450 13.70 -11.66 1.11
CA VAL A 450 13.02 -10.71 2.00
C VAL A 450 13.35 -9.29 1.58
N ALA A 451 14.63 -9.03 1.30
CA ALA A 451 15.04 -7.69 0.88
C ALA A 451 14.36 -7.30 -0.42
N GLU A 452 14.04 -8.28 -1.27
CA GLU A 452 13.36 -7.96 -2.53
C GLU A 452 11.86 -7.96 -2.35
N GLU A 453 11.37 -8.54 -1.25
CA GLU A 453 9.93 -8.69 -1.06
C GLU A 453 9.26 -7.35 -0.79
N SER A 454 9.83 -6.58 0.13
CA SER A 454 9.26 -5.28 0.48
C SER A 454 10.34 -4.43 1.14
N VAL A 455 10.07 -3.13 1.22
CA VAL A 455 11.02 -2.22 1.85
C VAL A 455 11.11 -2.48 3.34
N VAL A 456 10.00 -2.80 3.99
CA VAL A 456 10.02 -3.12 5.41
C VAL A 456 10.86 -4.37 5.66
N GLY A 457 10.72 -5.37 4.80
CA GLY A 457 11.53 -6.58 4.95
C GLY A 457 13.01 -6.29 4.82
N ALA A 458 13.38 -5.45 3.84
CA ALA A 458 14.78 -5.10 3.68
C ALA A 458 15.30 -4.32 4.89
N VAL A 459 14.50 -3.40 5.41
CA VAL A 459 14.92 -2.62 6.57
C VAL A 459 15.15 -3.52 7.77
N GLU A 460 14.23 -4.44 8.03
CA GLU A 460 14.39 -5.28 9.21
C GLU A 460 15.47 -6.34 9.02
N VAL A 461 15.69 -6.83 7.79
CA VAL A 461 16.80 -7.75 7.59
C VAL A 461 18.12 -7.02 7.74
N ALA A 462 18.19 -5.74 7.36
CA ALA A 462 19.38 -4.94 7.62
C ALA A 462 19.58 -4.76 9.12
N LYS A 463 18.50 -4.51 9.86
CA LYS A 463 18.60 -4.35 11.30
C LYS A 463 19.10 -5.62 11.97
N ALA A 464 18.60 -6.77 11.53
CA ALA A 464 18.99 -8.03 12.16
C ALA A 464 20.41 -8.44 11.77
N THR A 465 20.75 -8.32 10.49
CA THR A 465 22.03 -8.84 10.01
C THR A 465 23.20 -8.04 10.56
N GLY A 466 22.96 -6.82 11.03
CA GLY A 466 24.00 -5.97 11.54
C GLY A 466 24.69 -5.12 10.49
N ILE A 467 24.40 -5.33 9.22
CA ILE A 467 24.94 -4.51 8.14
C ILE A 467 23.95 -3.39 7.87
N LYS A 468 24.41 -2.15 8.02
CA LYS A 468 23.52 -0.99 8.04
C LYS A 468 23.36 -0.30 6.69
N GLN A 469 24.29 -0.51 5.76
CA GLN A 469 24.16 0.10 4.45
C GLN A 469 22.88 -0.34 3.75
N LEU A 470 22.43 -1.57 4.04
CA LEU A 470 21.24 -2.09 3.37
C LEU A 470 20.01 -1.26 3.71
N ALA A 471 19.89 -0.81 4.96
CA ALA A 471 18.71 -0.04 5.34
C ALA A 471 18.63 1.27 4.56
N ASN A 472 19.72 2.04 4.55
CA ASN A 472 19.73 3.30 3.81
C ASN A 472 19.51 3.08 2.33
N GLU A 473 20.17 2.08 1.75
CA GLU A 473 20.02 1.81 0.33
C GLU A 473 18.59 1.43 -0.01
N ALA A 474 17.97 0.57 0.81
CA ALA A 474 16.60 0.15 0.55
C ALA A 474 15.62 1.30 0.67
N VAL A 475 15.81 2.16 1.68
CA VAL A 475 14.90 3.29 1.83
C VAL A 475 15.02 4.24 0.64
N THR A 476 16.26 4.52 0.21
CA THR A 476 16.45 5.37 -0.96
C THR A 476 15.82 4.74 -2.21
N SER A 477 16.00 3.44 -2.40
CA SER A 477 15.43 2.78 -3.56
C SER A 477 13.91 2.84 -3.55
N PHE A 478 13.30 2.62 -2.38
CA PHE A 478 11.85 2.69 -2.29
C PHE A 478 11.35 4.09 -2.57
N ASN A 479 12.03 5.11 -2.05
CA ASN A 479 11.63 6.49 -2.34
C ASN A 479 11.70 6.77 -3.83
N ASP A 480 12.80 6.37 -4.47
CA ASP A 480 12.94 6.61 -5.90
C ASP A 480 11.86 5.89 -6.70
N ALA A 481 11.56 4.64 -6.33
CA ALA A 481 10.53 3.89 -7.05
C ALA A 481 9.16 4.54 -6.89
N PHE A 482 8.82 4.93 -5.66
CA PHE A 482 7.53 5.58 -5.41
C PHE A 482 7.40 6.85 -6.25
N VAL A 483 8.45 7.66 -6.28
CA VAL A 483 8.41 8.91 -7.04
C VAL A 483 8.29 8.62 -8.54
N ALA A 484 8.98 7.59 -9.03
CA ALA A 484 8.92 7.25 -10.44
C ALA A 484 7.52 6.80 -10.85
N THR A 485 6.88 5.94 -10.05
CA THR A 485 5.51 5.56 -10.38
C THR A 485 4.56 6.75 -10.28
N ALA A 486 4.82 7.69 -9.37
CA ALA A 486 4.02 8.90 -9.37
C ALA A 486 4.13 9.64 -10.70
N LEU A 487 5.35 9.75 -11.23
CA LEU A 487 5.53 10.43 -12.52
C LEU A 487 4.79 9.68 -13.64
N VAL A 488 4.90 8.34 -13.64
CA VAL A 488 4.23 7.56 -14.69
C VAL A 488 2.73 7.75 -14.63
N GLY A 489 2.17 7.72 -13.41
CA GLY A 489 0.75 7.97 -13.26
C GLY A 489 0.36 9.36 -13.74
N GLY A 490 1.21 10.34 -13.48
CA GLY A 490 0.94 11.68 -13.98
C GLY A 490 0.88 11.74 -15.50
N ILE A 491 1.81 11.05 -16.17
CA ILE A 491 1.78 11.02 -17.63
C ILE A 491 0.48 10.38 -18.12
N ILE A 492 0.11 9.24 -17.53
CA ILE A 492 -1.13 8.59 -17.93
C ILE A 492 -2.32 9.51 -17.70
N MET A 493 -2.30 10.24 -16.59
CA MET A 493 -3.42 11.11 -16.26
C MET A 493 -3.55 12.25 -17.25
N ILE A 494 -2.44 12.86 -17.66
CA ILE A 494 -2.51 13.91 -18.67
C ILE A 494 -3.01 13.36 -19.99
N ILE A 495 -2.53 12.17 -20.38
CA ILE A 495 -2.95 11.58 -21.64
C ILE A 495 -4.46 11.33 -21.63
N ILE A 496 -4.98 10.83 -20.50
CA ILE A 496 -6.42 10.61 -20.38
C ILE A 496 -7.17 11.93 -20.37
N SER A 497 -6.60 12.97 -19.76
CA SER A 497 -7.25 14.27 -19.72
C SER A 497 -7.45 14.82 -21.13
N ILE A 498 -6.45 14.67 -21.99
CA ILE A 498 -6.61 15.13 -23.37
C ILE A 498 -7.77 14.41 -24.05
N VAL A 499 -7.87 13.10 -23.84
CA VAL A 499 -8.95 12.33 -24.45
C VAL A 499 -10.31 12.81 -23.94
N VAL A 500 -10.42 13.01 -22.63
CA VAL A 500 -11.70 13.42 -22.06
C VAL A 500 -12.06 14.82 -22.53
N TYR A 501 -11.06 15.69 -22.69
CA TYR A 501 -11.31 17.02 -23.24
C TYR A 501 -11.85 16.93 -24.67
N LEU A 502 -11.28 16.02 -25.47
CA LEU A 502 -11.70 15.94 -26.87
C LEU A 502 -13.06 15.27 -27.00
N LEU A 503 -13.43 14.42 -26.04
CA LEU A 503 -14.68 13.67 -26.13
C LEU A 503 -15.92 14.53 -25.94
N ILE A 504 -15.91 15.39 -24.93
CA ILE A 504 -17.10 16.14 -24.51
C ILE A 504 -17.45 17.15 -25.59
N PRO A 505 -18.68 17.15 -26.10
CA PRO A 505 -19.07 18.13 -27.12
C PRO A 505 -19.22 19.51 -26.53
N LYS A 506 -19.26 20.51 -27.43
CA LYS A 506 -19.24 21.90 -27.00
C LYS A 506 -20.56 22.30 -26.34
N SER A 507 -21.69 21.96 -26.96
CA SER A 507 -22.98 22.43 -26.48
C SER A 507 -23.41 21.76 -25.18
N LEU A 508 -22.70 20.73 -24.74
CA LEU A 508 -23.12 19.99 -23.55
C LEU A 508 -23.02 20.88 -22.32
N ASP A 509 -23.97 20.73 -21.40
CA ASP A 509 -23.99 21.50 -20.18
C ASP A 509 -24.82 20.76 -19.13
N ILE A 510 -24.34 20.76 -17.89
CA ILE A 510 -24.97 19.96 -16.84
C ILE A 510 -26.35 20.46 -16.49
N THR A 511 -26.70 21.70 -16.83
CA THR A 511 -28.02 22.23 -16.59
C THR A 511 -28.81 22.25 -17.89
N LYS A 512 -30.12 22.47 -17.76
CA LYS A 512 -31.04 22.55 -18.89
C LYS A 512 -30.96 21.28 -19.75
N GLN A 513 -31.42 20.18 -19.13
CA GLN A 513 -31.36 18.87 -19.79
C GLN A 513 -32.07 18.88 -21.13
N LYS A 514 -33.18 19.61 -21.23
CA LYS A 514 -33.89 19.75 -22.50
C LYS A 514 -34.82 20.95 -22.47
N MET B 1 17.83 16.66 14.15
CA MET B 1 18.84 17.62 14.56
C MET B 1 19.77 17.97 13.41
N GLN B 2 20.08 19.26 13.29
CA GLN B 2 21.03 19.68 12.25
C GLN B 2 22.41 19.08 12.54
N VAL B 3 22.93 18.37 11.56
CA VAL B 3 24.18 17.63 11.73
C VAL B 3 25.35 18.61 11.68
N GLN B 4 26.33 18.38 12.54
CA GLN B 4 27.53 19.21 12.62
C GLN B 4 28.75 18.36 12.31
N LEU B 5 29.57 18.83 11.37
CA LEU B 5 30.74 18.09 10.92
C LEU B 5 32.00 18.84 11.33
N GLN B 6 32.92 18.13 11.99
CA GLN B 6 34.20 18.68 12.39
C GLN B 6 35.32 17.89 11.73
N GLU B 7 36.40 18.59 11.36
CA GLU B 7 37.52 17.99 10.67
C GLU B 7 38.80 18.22 11.46
N SER B 8 39.76 17.31 11.28
CA SER B 8 41.05 17.40 11.94
C SER B 8 42.07 16.69 11.08
N GLY B 9 43.26 16.45 11.63
CA GLY B 9 44.29 15.72 10.93
C GLY B 9 45.00 16.54 9.88
N GLY B 10 44.37 17.60 9.39
CA GLY B 10 44.99 18.43 8.39
C GLY B 10 46.17 19.20 8.93
N GLY B 11 47.11 19.51 8.05
CA GLY B 11 48.29 20.26 8.45
C GLY B 11 49.52 19.83 7.69
N SER B 12 50.66 19.89 8.36
CA SER B 12 51.92 19.47 7.77
C SER B 12 52.09 17.96 7.86
N SER B 18 52.41 11.22 3.06
CA SER B 18 51.24 10.52 3.59
C SER B 18 50.69 11.24 4.82
N LEU B 19 49.36 11.39 4.87
CA LEU B 19 48.71 12.06 5.99
C LEU B 19 47.31 11.51 6.13
N ARG B 20 46.83 11.48 7.38
CA ARG B 20 45.49 10.99 7.72
C ARG B 20 44.62 12.17 8.11
N LEU B 21 43.57 12.41 7.33
CA LEU B 21 42.51 13.33 7.72
C LEU B 21 41.39 12.56 8.40
N SER B 22 40.77 13.20 9.39
CA SER B 22 39.68 12.58 10.12
C SER B 22 38.51 13.55 10.18
N CYS B 23 37.31 13.02 9.99
CA CYS B 23 36.09 13.83 10.11
C CYS B 23 35.15 13.13 11.07
N ALA B 24 34.68 13.86 12.07
CA ALA B 24 33.78 13.32 13.08
C ALA B 24 32.34 13.42 12.60
N ALA B 25 31.53 12.45 13.00
CA ALA B 25 30.11 12.43 12.63
C ALA B 25 29.31 13.12 13.72
N SER B 26 27.99 13.12 13.56
CA SER B 26 27.07 13.75 14.52
C SER B 26 25.78 12.95 14.51
N GLY B 27 24.70 13.57 14.99
CA GLY B 27 23.39 12.94 15.04
C GLY B 27 23.01 12.23 13.75
N TYR B 28 22.89 10.91 13.83
CA TYR B 28 22.67 10.05 12.68
C TYR B 28 22.33 8.66 13.18
N ARG B 29 21.34 8.02 12.56
CA ARG B 29 21.06 6.62 12.80
C ARG B 29 21.65 5.78 11.67
N TYR B 30 22.29 4.68 12.02
CA TYR B 30 23.08 3.89 11.09
C TYR B 30 24.15 4.78 10.44
N SER B 31 24.91 5.48 11.28
CA SER B 31 25.88 6.45 10.82
C SER B 31 27.11 5.78 10.21
N ASP B 32 26.92 5.12 9.07
CA ASP B 32 28.03 4.48 8.37
C ASP B 32 27.75 4.50 6.88
N ASN B 33 28.82 4.51 6.10
CA ASN B 33 28.76 4.58 4.64
C ASN B 33 27.99 5.79 4.13
N CYS B 34 27.94 6.87 4.91
CA CYS B 34 27.07 8.00 4.60
C CYS B 34 27.76 9.34 4.78
N VAL B 35 29.08 9.40 4.73
CA VAL B 35 29.83 10.66 4.79
C VAL B 35 30.98 10.57 3.80
N GLY B 36 31.15 11.62 3.00
CA GLY B 36 32.13 11.65 1.93
C GLY B 36 33.13 12.78 2.08
N TRP B 37 34.06 12.82 1.13
CA TRP B 37 35.16 13.76 1.14
C TRP B 37 35.17 14.57 -0.15
N PHE B 38 35.34 15.88 -0.03
CA PHE B 38 35.47 16.78 -1.16
C PHE B 38 36.69 17.66 -0.95
N ARG B 39 37.03 18.44 -1.97
CA ARG B 39 38.14 19.37 -1.86
C ARG B 39 37.91 20.56 -2.78
N GLN B 40 38.22 21.74 -2.26
CA GLN B 40 38.11 22.99 -3.02
C GLN B 40 39.52 23.41 -3.41
N ALA B 41 39.90 23.08 -4.63
CA ALA B 41 41.23 23.41 -5.12
C ALA B 41 41.37 24.93 -5.21
N PRO B 42 42.58 25.47 -5.06
CA PRO B 42 42.77 26.92 -5.23
C PRO B 42 42.41 27.37 -6.63
N GLY B 43 42.99 26.72 -7.64
CA GLY B 43 42.70 27.11 -9.02
C GLY B 43 41.29 26.79 -9.45
N ARG B 44 40.79 25.61 -9.09
CA ARG B 44 39.52 25.11 -9.59
C ARG B 44 38.43 25.26 -8.54
N GLU B 45 37.24 24.71 -8.82
CA GLU B 45 36.14 24.69 -7.85
C GLU B 45 36.15 23.38 -7.07
N ARG B 46 35.07 23.12 -6.32
CA ARG B 46 34.95 21.94 -5.49
C ARG B 46 34.91 20.68 -6.35
N GLU B 47 35.41 19.57 -5.81
CA GLU B 47 35.61 18.36 -6.59
C GLU B 47 35.25 17.17 -5.69
N ALA B 48 35.01 16.02 -6.32
CA ALA B 48 34.58 14.80 -5.63
C ALA B 48 35.76 13.84 -5.54
N VAL B 49 36.27 13.64 -4.32
CA VAL B 49 37.35 12.68 -4.09
C VAL B 49 36.93 11.65 -3.05
N ALA B 50 36.83 10.39 -3.49
CA ALA B 50 36.60 9.25 -2.59
C ALA B 50 35.32 9.37 -1.76
N THR B 51 34.18 9.31 -2.42
CA THR B 51 32.89 9.21 -1.74
C THR B 51 32.34 7.80 -1.91
N TYR B 52 31.16 7.57 -1.35
CA TYR B 52 30.48 6.28 -1.41
C TYR B 52 29.32 6.36 -2.41
N ASN B 53 29.29 5.42 -3.34
CA ASN B 53 28.21 5.34 -4.32
C ASN B 53 27.10 4.43 -3.78
N SER B 54 26.15 4.11 -4.64
CA SER B 54 25.10 3.18 -4.28
C SER B 54 25.65 1.76 -4.17
N GLY B 55 24.88 0.88 -3.52
CA GLY B 55 25.30 -0.48 -3.31
C GLY B 55 26.52 -0.58 -2.42
N SER B 56 27.66 -0.92 -3.01
CA SER B 56 28.93 -0.88 -2.28
C SER B 56 30.02 -0.52 -3.29
N SER B 57 30.30 0.78 -3.40
CA SER B 57 31.26 1.26 -4.37
C SER B 57 31.93 2.51 -3.81
N THR B 58 33.23 2.64 -4.08
CA THR B 58 34.03 3.78 -3.64
C THR B 58 34.48 4.55 -4.87
N TRP B 59 34.00 5.78 -5.01
CA TRP B 59 34.23 6.59 -6.21
C TRP B 59 35.45 7.48 -5.99
N TYR B 60 36.63 6.90 -6.22
CA TYR B 60 37.86 7.67 -6.15
C TYR B 60 38.01 8.55 -7.38
N ALA B 61 38.58 9.73 -7.20
CA ALA B 61 38.81 10.62 -8.32
C ALA B 61 39.84 10.02 -9.27
N ASP B 62 39.75 10.43 -10.54
CA ASP B 62 40.69 9.91 -11.53
C ASP B 62 42.13 10.25 -11.19
N SER B 63 42.35 11.40 -10.54
CA SER B 63 43.71 11.80 -10.20
C SER B 63 44.29 10.95 -9.08
N VAL B 64 43.50 10.72 -8.02
CA VAL B 64 44.01 10.09 -6.80
C VAL B 64 43.38 8.71 -6.58
N LYS B 65 43.04 8.04 -7.69
CA LYS B 65 42.34 6.76 -7.58
C LYS B 65 43.14 5.74 -6.79
N GLY B 66 44.45 5.65 -7.05
CA GLY B 66 45.27 4.67 -6.35
C GLY B 66 45.99 5.22 -5.14
N ARG B 67 46.21 6.53 -5.11
CA ARG B 67 46.98 7.14 -4.04
C ARG B 67 46.18 7.18 -2.73
N PHE B 68 44.92 7.59 -2.79
CA PHE B 68 44.13 7.82 -1.60
C PHE B 68 43.46 6.54 -1.13
N THR B 69 43.02 6.56 0.14
CA THR B 69 42.21 5.48 0.67
C THR B 69 41.26 6.03 1.71
N ILE B 70 40.11 5.37 1.85
CA ILE B 70 39.04 5.80 2.74
C ILE B 70 38.67 4.64 3.67
N SER B 71 38.44 4.95 4.94
CA SER B 71 38.07 3.95 5.93
C SER B 71 37.04 4.54 6.88
N GLN B 72 36.28 3.65 7.51
CA GLN B 72 35.22 4.06 8.42
C GLN B 72 35.08 3.05 9.54
N ASP B 73 34.77 3.54 10.74
CA ASP B 73 34.53 2.70 11.90
C ASP B 73 33.23 3.15 12.56
N SER B 74 32.32 2.20 12.80
CA SER B 74 31.04 2.54 13.41
C SER B 74 31.21 3.06 14.83
N ALA B 75 32.06 2.43 15.64
CA ALA B 75 32.31 2.90 16.98
C ALA B 75 33.01 4.25 16.94
N LYS B 76 32.49 5.20 17.72
CA LYS B 76 32.95 6.59 17.65
C LYS B 76 32.89 7.09 16.22
N SER B 77 31.67 7.16 15.68
CA SER B 77 31.43 7.34 14.25
C SER B 77 32.28 8.45 13.64
N THR B 78 33.19 8.06 12.75
CA THR B 78 34.12 8.97 12.09
C THR B 78 34.43 8.42 10.70
N VAL B 79 35.14 9.21 9.91
CA VAL B 79 35.66 8.76 8.63
C VAL B 79 37.13 9.19 8.54
N TYR B 80 37.96 8.32 7.97
CA TYR B 80 39.39 8.58 7.82
C TYR B 80 39.77 8.53 6.35
N LEU B 81 40.56 9.51 5.93
CA LEU B 81 41.05 9.60 4.56
C LEU B 81 42.57 9.67 4.61
N GLN B 82 43.22 8.63 4.12
CA GLN B 82 44.68 8.56 4.13
C GLN B 82 45.22 8.83 2.74
N MET B 83 46.15 9.78 2.64
CA MET B 83 46.74 10.19 1.38
C MET B 83 48.21 9.82 1.37
N ASN B 84 48.61 9.02 0.37
CA ASN B 84 50.00 8.64 0.17
C ASN B 84 50.41 8.95 -1.27
N ASN B 85 51.73 9.16 -1.44
CA ASN B 85 52.30 9.48 -2.75
C ASN B 85 51.65 10.72 -3.36
N LEU B 86 51.84 11.84 -2.67
CA LEU B 86 51.15 13.07 -3.01
C LEU B 86 51.76 13.70 -4.27
N LYS B 87 51.05 14.68 -4.81
CA LYS B 87 51.32 15.17 -6.16
C LYS B 87 51.21 16.69 -6.24
N PRO B 88 51.47 17.33 -7.42
CA PRO B 88 51.44 18.80 -7.48
C PRO B 88 50.03 19.38 -7.41
N GLU B 89 49.08 18.58 -6.94
CA GLU B 89 47.72 19.08 -6.77
C GLU B 89 47.51 18.82 -5.29
N ASP B 90 46.29 18.44 -4.90
CA ASP B 90 45.91 18.38 -3.50
C ASP B 90 45.90 19.81 -2.96
N THR B 91 46.52 20.05 -1.81
CA THR B 91 46.34 21.31 -1.08
C THR B 91 44.85 21.47 -0.90
N ALA B 92 44.25 22.50 -1.50
CA ALA B 92 42.80 22.59 -1.46
C ALA B 92 42.26 22.86 -0.07
N MET B 93 40.98 22.53 0.15
CA MET B 93 40.37 22.64 1.46
C MET B 93 40.02 21.30 2.08
N TYR B 94 39.57 20.33 1.28
CA TYR B 94 39.23 18.98 1.73
C TYR B 94 38.07 19.02 2.73
N TYR B 95 36.93 19.49 2.26
CA TYR B 95 35.72 19.52 3.08
C TYR B 95 35.24 18.11 3.40
N CYS B 96 34.72 17.94 4.60
CA CYS B 96 33.91 16.78 4.91
C CYS B 96 32.49 17.04 4.40
N ALA B 97 31.76 15.96 4.09
CA ALA B 97 30.44 16.13 3.52
C ALA B 97 29.50 15.06 4.06
N GLY B 98 28.27 15.46 4.32
CA GLY B 98 27.23 14.53 4.78
C GLY B 98 26.11 14.43 3.77
N ARG B 99 25.58 13.22 3.61
CA ARG B 99 24.54 13.00 2.62
C ARG B 99 23.21 13.61 3.11
N ASN B 100 22.36 13.93 2.14
CA ASN B 100 21.09 14.60 2.43
C ASN B 100 20.14 13.61 3.10
N ARG B 101 19.78 13.89 4.36
CA ARG B 101 18.92 12.98 5.10
C ARG B 101 17.54 12.94 4.48
N LEU B 102 16.94 11.76 4.48
CA LEU B 102 15.56 11.54 4.08
C LEU B 102 14.89 10.86 5.27
N GLY B 103 14.04 11.60 5.98
CA GLY B 103 13.56 11.10 7.26
C GLY B 103 14.72 10.94 8.23
N SER B 104 14.71 9.82 8.95
CA SER B 104 15.83 9.52 9.83
C SER B 104 16.98 8.85 9.10
N TYR B 105 16.67 8.04 8.09
CA TYR B 105 17.71 7.44 7.26
C TYR B 105 18.41 8.52 6.45
N CYS B 106 19.64 8.22 6.05
CA CYS B 106 20.51 9.26 5.52
C CYS B 106 20.72 9.21 4.02
N TYR B 107 20.86 8.03 3.43
CA TYR B 107 21.29 7.95 2.05
C TYR B 107 20.25 8.55 1.11
N MET B 108 20.74 9.09 0.00
CA MET B 108 19.88 9.59 -1.06
C MET B 108 20.75 9.82 -2.29
N THR B 109 20.30 9.33 -3.44
CA THR B 109 20.99 9.64 -4.67
C THR B 109 20.85 11.12 -4.97
N GLY B 110 21.98 11.81 -5.07
CA GLY B 110 21.96 13.23 -5.29
C GLY B 110 23.21 13.92 -4.80
N ASP B 111 23.10 15.19 -4.40
CA ASP B 111 24.27 15.95 -4.00
C ASP B 111 24.30 16.02 -2.48
N PHE B 112 25.41 16.50 -1.93
CA PHE B 112 25.61 16.56 -0.49
C PHE B 112 25.14 17.90 0.03
N ALA B 113 24.56 17.89 1.23
CA ALA B 113 23.98 19.10 1.80
C ALA B 113 24.85 19.77 2.86
N TYR B 114 25.64 19.01 3.60
CA TYR B 114 26.40 19.54 4.73
C TYR B 114 27.89 19.45 4.41
N TRP B 115 28.64 20.47 4.84
CA TRP B 115 29.97 20.68 4.27
C TRP B 115 31.09 20.92 5.30
N GLY B 116 30.82 20.82 6.59
CA GLY B 116 31.91 20.90 7.55
C GLY B 116 32.52 22.29 7.62
N GLN B 117 33.80 22.34 7.98
CA GLN B 117 34.45 23.63 8.22
C GLN B 117 35.19 24.18 7.00
N GLY B 118 36.24 23.52 6.54
CA GLY B 118 37.04 24.04 5.46
C GLY B 118 38.45 23.49 5.31
N THR B 119 39.41 24.42 5.27
CA THR B 119 40.71 24.29 4.62
C THR B 119 41.75 23.66 5.55
N GLN B 120 43.03 23.94 5.27
CA GLN B 120 44.22 23.40 5.93
C GLN B 120 44.49 21.93 5.61
N VAL B 121 44.70 21.64 4.33
CA VAL B 121 45.48 20.49 3.89
C VAL B 121 46.61 21.03 3.03
N THR B 122 47.86 20.76 3.43
CA THR B 122 49.01 21.42 2.84
C THR B 122 49.91 20.41 2.15
N VAL B 123 49.87 20.39 0.82
CA VAL B 123 50.77 19.57 0.01
C VAL B 123 50.69 19.96 -1.46
N VAL C 3 14.47 -16.18 36.09
CA VAL C 3 13.43 -15.35 35.49
C VAL C 3 12.72 -16.12 34.38
N GLN C 4 13.50 -16.76 33.50
CA GLN C 4 12.99 -17.62 32.46
C GLN C 4 13.59 -19.01 32.64
N LEU C 5 13.31 -19.90 31.68
CA LEU C 5 13.82 -21.26 31.71
C LEU C 5 14.84 -21.47 30.60
N GLN C 6 15.65 -22.51 30.76
CA GLN C 6 16.63 -22.90 29.76
C GLN C 6 16.68 -24.42 29.73
N GLU C 7 17.42 -24.96 28.77
CA GLU C 7 17.53 -26.41 28.62
C GLU C 7 18.94 -26.75 28.19
N SER C 8 19.14 -28.02 27.79
CA SER C 8 20.45 -28.54 27.46
C SER C 8 20.28 -29.76 26.57
N GLY C 9 21.39 -30.25 26.05
CA GLY C 9 21.36 -31.45 25.23
C GLY C 9 22.64 -32.26 25.37
N GLY C 10 22.62 -33.49 24.86
CA GLY C 10 23.77 -34.38 24.97
C GLY C 10 25.02 -33.84 24.32
N GLY C 17 29.85 -36.57 22.72
CA GLY C 17 28.45 -36.87 23.03
C GLY C 17 27.66 -36.83 21.77
N SER C 18 28.10 -36.05 20.79
CA SER C 18 27.50 -36.01 19.43
C SER C 18 26.01 -35.69 19.29
N LEU C 19 25.44 -35.94 18.10
CA LEU C 19 24.03 -35.62 17.77
C LEU C 19 23.88 -34.15 18.09
N ARG C 20 22.73 -33.76 18.60
CA ARG C 20 22.72 -32.32 18.77
C ARG C 20 21.77 -31.91 19.90
N LEU C 21 21.93 -30.67 20.33
CA LEU C 21 21.29 -30.18 21.54
C LEU C 21 19.96 -29.49 21.21
N SER C 22 19.26 -29.06 22.25
CA SER C 22 18.00 -28.36 22.09
C SER C 22 17.77 -27.52 23.34
N CYS C 23 17.57 -26.22 23.16
CA CYS C 23 17.36 -25.28 24.25
C CYS C 23 15.87 -25.01 24.40
N ALA C 24 15.56 -24.16 25.38
CA ALA C 24 14.17 -23.78 25.64
C ALA C 24 14.17 -22.48 26.42
N ALA C 25 13.11 -21.71 26.34
CA ALA C 25 13.14 -20.50 27.17
C ALA C 25 11.71 -20.17 27.52
N SER C 26 11.32 -20.56 28.73
CA SER C 26 9.96 -20.23 29.17
C SER C 26 9.82 -18.71 29.16
N GLY C 27 8.60 -18.23 29.12
CA GLY C 27 8.34 -16.79 29.10
C GLY C 27 8.79 -16.24 27.79
N TYR C 28 8.91 -14.90 27.69
CA TYR C 28 9.44 -14.27 26.47
C TYR C 28 8.32 -13.99 25.48
N THR C 29 8.59 -13.17 24.47
CA THR C 29 7.61 -12.90 23.42
C THR C 29 8.30 -13.02 22.08
N ASN C 30 9.49 -12.45 21.95
CA ASN C 30 10.26 -12.54 20.71
C ASN C 30 9.44 -12.19 19.48
N SER C 31 8.78 -11.03 19.51
CA SER C 31 7.98 -10.61 18.37
C SER C 31 8.80 -9.76 17.41
N ARG C 32 10.00 -9.39 17.82
CA ARG C 32 10.86 -8.55 16.99
C ARG C 32 12.20 -9.01 17.49
N LYS C 33 12.29 -9.48 18.76
CA LYS C 33 13.61 -9.54 19.35
C LYS C 33 14.45 -10.62 18.68
N CYS C 34 15.73 -10.63 19.05
CA CYS C 34 16.69 -11.59 18.54
C CYS C 34 16.89 -12.70 19.57
N MET C 35 16.89 -13.95 19.09
CA MET C 35 16.93 -15.11 19.97
C MET C 35 17.81 -16.16 19.33
N GLY C 36 18.91 -16.53 19.99
CA GLY C 36 19.86 -17.42 19.35
C GLY C 36 20.76 -18.17 20.29
N TRP C 37 21.78 -18.79 19.69
CA TRP C 37 22.74 -19.65 20.38
C TRP C 37 24.11 -18.98 20.36
N PHE C 38 24.92 -19.30 21.38
CA PHE C 38 26.30 -18.87 21.47
C PHE C 38 27.15 -20.06 21.89
N ARG C 39 28.46 -19.95 21.70
CA ARG C 39 29.38 -20.96 22.18
C ARG C 39 30.69 -20.29 22.57
N GLN C 40 31.54 -20.96 23.32
CA GLN C 40 32.89 -20.40 23.55
C GLN C 40 33.86 -21.52 23.85
N ILE C 41 35.06 -21.40 23.31
CA ILE C 41 36.08 -22.37 23.76
C ILE C 41 36.39 -21.95 25.18
N PRO C 42 37.17 -22.69 25.96
CA PRO C 42 37.53 -22.22 27.27
C PRO C 42 37.69 -20.69 27.17
N LYS C 44 37.39 -18.16 25.30
CA LYS C 44 37.71 -16.72 25.16
C LYS C 44 36.40 -15.94 25.03
N GLU C 45 35.77 -16.01 23.86
CA GLU C 45 34.57 -15.18 23.65
C GLU C 45 33.39 -16.07 23.33
N ARG C 46 32.18 -15.54 23.49
CA ARG C 46 30.99 -16.33 23.10
C ARG C 46 30.73 -15.93 21.67
N GLU C 47 31.50 -16.49 20.76
CA GLU C 47 31.42 -16.10 19.35
C GLU C 47 29.99 -16.16 18.81
N GLY C 48 29.34 -17.30 18.90
CA GLY C 48 28.00 -17.42 18.36
C GLY C 48 27.96 -18.33 17.15
N VAL C 49 26.80 -18.95 16.93
CA VAL C 49 26.64 -19.90 15.84
C VAL C 49 25.42 -19.59 14.98
N ALA C 50 24.28 -19.33 15.61
CA ALA C 50 23.05 -19.11 14.85
C ALA C 50 22.07 -18.29 15.68
N ALA C 51 21.10 -17.69 14.99
CA ALA C 51 20.10 -16.88 15.65
C ALA C 51 18.87 -16.74 14.77
N ILE C 52 17.75 -16.39 15.40
CA ILE C 52 16.48 -16.15 14.73
C ILE C 52 15.96 -14.79 15.16
N TYR C 53 15.55 -13.99 14.18
CA TYR C 53 14.96 -12.68 14.40
C TYR C 53 13.47 -12.77 14.09
N GLY C 54 12.65 -12.21 14.97
CA GLY C 54 11.22 -12.43 14.96
C GLY C 54 10.44 -11.68 13.89
N PHE C 55 10.62 -12.06 12.64
CA PHE C 55 9.86 -11.52 11.51
C PHE C 55 8.89 -12.57 10.99
N GLY C 56 8.23 -12.25 9.88
CA GLY C 56 7.31 -13.18 9.26
C GLY C 56 7.97 -14.51 8.95
N ARG C 57 7.56 -15.55 9.67
CA ARG C 57 8.10 -16.90 9.55
C ARG C 57 9.53 -16.94 10.08
N GLY C 58 10.05 -15.79 10.50
CA GLY C 58 11.34 -15.73 11.17
C GLY C 58 12.53 -15.66 10.24
N LEU C 59 13.46 -14.76 10.52
CA LEU C 59 14.67 -14.61 9.72
C LEU C 59 15.81 -15.33 10.43
N ILE C 60 16.46 -16.25 9.73
CA ILE C 60 17.51 -17.08 10.31
C ILE C 60 18.86 -16.57 9.86
N LEU C 61 19.79 -16.43 10.81
CA LEU C 61 21.15 -16.00 10.53
C LEU C 61 22.12 -17.05 11.05
N TYR C 62 23.08 -17.45 10.21
CA TYR C 62 24.07 -18.44 10.56
C TYR C 62 25.45 -17.80 10.66
N ALA C 63 26.37 -18.54 11.28
CA ALA C 63 27.76 -18.11 11.36
C ALA C 63 28.50 -18.54 10.10
N ASP C 64 29.71 -18.01 9.95
CA ASP C 64 30.51 -18.31 8.77
C ASP C 64 31.07 -19.72 8.81
N SER C 65 31.43 -20.21 9.99
CA SER C 65 32.11 -21.49 10.12
C SER C 65 31.16 -22.67 10.28
N VAL C 66 29.86 -22.43 10.45
CA VAL C 66 28.89 -23.49 10.70
C VAL C 66 27.77 -23.49 9.68
N LYS C 67 27.88 -22.66 8.64
CA LYS C 67 26.80 -22.53 7.65
C LYS C 67 26.49 -23.87 7.00
N GLY C 68 25.19 -24.18 6.90
CA GLY C 68 24.75 -25.40 6.26
C GLY C 68 24.80 -26.62 7.17
N ARG C 69 25.81 -26.67 8.04
CA ARG C 69 25.97 -27.80 8.95
C ARG C 69 24.96 -27.79 10.09
N PHE C 70 24.35 -26.64 10.39
CA PHE C 70 23.46 -26.49 11.53
C PHE C 70 22.05 -26.19 11.05
N THR C 71 21.07 -26.60 11.86
CA THR C 71 19.66 -26.35 11.60
C THR C 71 19.04 -25.85 12.90
N ILE C 72 18.37 -24.71 12.84
CA ILE C 72 17.74 -24.10 14.00
C ILE C 72 16.30 -23.75 13.64
N SER C 73 15.38 -24.04 14.56
CA SER C 73 13.97 -23.75 14.34
C SER C 73 13.32 -23.44 15.68
N GLN C 74 12.14 -22.82 15.62
CA GLN C 74 11.40 -22.44 16.80
C GLN C 74 9.99 -23.02 16.73
N ASP C 75 9.45 -23.38 17.90
CA ASP C 75 8.10 -23.90 18.02
C ASP C 75 7.24 -22.87 18.75
N ASN C 76 6.13 -22.48 18.15
CA ASN C 76 5.20 -21.54 18.79
C ASN C 76 4.20 -22.26 19.68
N ALA C 77 4.70 -23.16 20.52
CA ALA C 77 3.89 -23.82 21.55
C ALA C 77 4.56 -23.85 22.92
N LYS C 78 5.90 -23.84 22.99
CA LYS C 78 6.60 -23.75 24.27
C LYS C 78 7.82 -22.84 24.17
N ASN C 79 7.91 -22.01 23.13
CA ASN C 79 9.07 -21.14 22.88
C ASN C 79 10.37 -21.94 22.91
N THR C 80 10.38 -23.09 22.24
CA THR C 80 11.54 -23.96 22.25
C THR C 80 12.57 -23.49 21.22
N VAL C 81 13.81 -23.93 21.40
CA VAL C 81 14.93 -23.48 20.58
C VAL C 81 15.56 -24.67 19.87
N TYR C 82 14.72 -25.64 19.48
CA TYR C 82 15.19 -26.89 18.90
C TYR C 82 16.30 -26.67 17.88
N LEU C 83 17.27 -27.59 17.88
CA LEU C 83 18.44 -27.48 17.02
C LEU C 83 18.90 -28.88 16.62
N GLN C 84 19.61 -28.94 15.49
CA GLN C 84 20.14 -30.18 14.96
C GLN C 84 21.36 -29.85 14.12
N MET C 85 22.21 -30.83 13.87
CA MET C 85 23.39 -30.60 13.04
C MET C 85 24.07 -31.90 12.67
N ASN C 86 24.89 -31.82 11.63
CA ASN C 86 25.86 -32.84 11.27
C ASN C 86 27.26 -32.25 11.37
N SER C 87 28.25 -33.04 10.96
CA SER C 87 29.66 -32.63 10.96
C SER C 87 30.09 -32.20 12.36
N LEU C 88 29.85 -33.08 13.31
CA LEU C 88 30.11 -32.82 14.73
C LEU C 88 31.62 -32.95 15.02
N LYS C 89 32.40 -32.16 14.31
CA LYS C 89 33.85 -32.25 14.43
C LYS C 89 34.28 -31.88 15.85
N PRO C 90 35.20 -32.63 16.45
CA PRO C 90 35.66 -32.31 17.81
C PRO C 90 36.59 -31.10 17.86
N GLU C 91 36.08 -29.96 17.38
CA GLU C 91 36.76 -28.69 17.52
C GLU C 91 35.86 -27.57 18.03
N ASP C 92 34.55 -27.67 17.87
CA ASP C 92 33.60 -26.72 18.43
C ASP C 92 33.07 -27.19 19.78
N THR C 93 33.85 -27.97 20.51
CA THR C 93 33.49 -28.38 21.87
C THR C 93 33.61 -27.17 22.76
N ALA C 94 32.49 -26.51 23.04
CA ALA C 94 32.50 -25.21 23.66
C ALA C 94 31.40 -25.10 24.72
N MET C 95 31.50 -24.05 25.53
CA MET C 95 30.51 -23.76 26.56
C MET C 95 29.27 -23.17 25.91
N TYR C 96 28.48 -24.06 25.32
CA TYR C 96 27.31 -23.62 24.56
C TYR C 96 26.28 -22.98 25.47
N TYR C 97 25.58 -21.98 24.92
CA TYR C 97 24.65 -21.15 25.66
C TYR C 97 23.52 -20.73 24.74
N CYS C 98 22.41 -20.32 25.33
CA CYS C 98 21.25 -19.85 24.57
C CYS C 98 20.74 -18.58 25.19
N ALA C 99 20.52 -17.55 24.37
CA ALA C 99 20.10 -16.25 24.85
C ALA C 99 18.99 -15.70 23.96
N ALA C 100 18.33 -14.65 24.43
CA ALA C 100 17.23 -14.04 23.69
C ALA C 100 17.03 -12.61 24.19
N ASP C 101 15.99 -11.97 23.65
CA ASP C 101 15.57 -10.62 24.03
C ASP C 101 16.70 -9.61 23.81
N SER C 102 17.04 -9.44 22.54
CA SER C 102 18.02 -8.45 22.12
C SER C 102 17.38 -7.49 21.12
N PRO C 103 17.75 -6.20 21.16
CA PRO C 103 17.12 -5.26 20.21
C PRO C 103 17.51 -5.49 18.76
N GLY C 104 18.71 -6.01 18.51
CA GLY C 104 19.11 -6.25 17.14
C GLY C 104 20.56 -6.68 17.07
N SER C 105 21.06 -6.77 15.83
CA SER C 105 22.44 -7.18 15.55
C SER C 105 22.74 -8.55 16.14
N CYS C 106 22.06 -9.56 15.60
CA CYS C 106 22.23 -10.93 16.08
C CYS C 106 23.65 -11.41 15.89
N LEU C 107 23.96 -12.53 16.55
CA LEU C 107 25.23 -13.24 16.41
C LEU C 107 26.39 -12.44 16.97
N SER C 108 26.11 -11.30 17.61
CA SER C 108 27.15 -10.44 18.17
C SER C 108 26.91 -10.28 19.67
N ARG C 109 27.99 -10.35 20.44
CA ARG C 109 27.90 -10.16 21.90
C ARG C 109 27.62 -8.69 22.14
N SER C 110 26.35 -8.37 22.40
CA SER C 110 25.92 -6.99 22.54
C SER C 110 24.74 -6.96 23.50
N GLY C 111 23.96 -5.87 23.43
CA GLY C 111 22.81 -5.68 24.29
C GLY C 111 21.90 -6.89 24.39
N TYR C 112 21.79 -7.44 25.59
CA TYR C 112 20.94 -8.59 25.86
C TYR C 112 20.28 -8.41 27.21
N ASN C 113 18.96 -8.55 27.25
CA ASN C 113 18.20 -8.42 28.47
C ASN C 113 18.03 -9.76 29.18
N TYR C 114 18.65 -10.81 28.65
CA TYR C 114 18.47 -12.15 29.20
C TYR C 114 19.59 -13.10 28.81
N TRP C 115 19.96 -14.00 29.72
CA TRP C 115 20.97 -15.01 29.41
C TRP C 115 20.71 -16.26 30.24
N GLY C 116 20.95 -17.44 29.66
CA GLY C 116 20.65 -18.68 30.36
C GLY C 116 21.80 -19.33 31.09
N GLN C 117 21.69 -20.62 31.36
CA GLN C 117 22.76 -21.36 32.04
C GLN C 117 23.61 -22.07 31.01
N GLY C 118 23.04 -22.31 29.83
CA GLY C 118 23.77 -22.92 28.74
C GLY C 118 23.70 -24.44 28.81
N THR C 119 24.82 -25.09 28.50
CA THR C 119 24.91 -26.54 28.59
C THR C 119 26.36 -26.95 28.60
N GLN C 120 26.62 -28.16 29.10
CA GLN C 120 27.95 -28.74 29.21
C GLN C 120 28.08 -29.85 28.16
N VAL C 121 28.71 -29.52 27.03
CA VAL C 121 28.90 -30.48 25.95
C VAL C 121 30.35 -30.44 25.50
N THR C 122 30.88 -31.61 25.14
CA THR C 122 32.25 -31.73 24.68
C THR C 122 32.36 -32.99 23.83
N VAL C 123 33.33 -32.99 22.91
CA VAL C 123 33.60 -34.13 22.03
C VAL C 123 35.06 -34.52 22.18
N SER C 124 35.30 -35.82 22.33
CA SER C 124 36.66 -36.33 22.50
C SER C 124 37.27 -36.73 21.16
#